data_5IB5
#
_entry.id   5IB5
#
_cell.length_a   51.004
_cell.length_b   81.677
_cell.length_c   126.474
_cell.angle_alpha   90.00
_cell.angle_beta   96.74
_cell.angle_gamma   90.00
#
_symmetry.space_group_name_H-M   'P 1 21 1'
#
loop_
_entity.id
_entity.type
_entity.pdbx_description
1 polymer 'HLA class I histocompatibility antigen, B-27 alpha chain'
2 polymer Beta-2-microglobulin
3 polymer 'Vasoactive intestinal polypeptide receptor 1'
4 non-polymer 'COPPER (II) ION'
5 non-polymer GLYCEROL
6 non-polymer 'CHLORIDE ION'
7 water water
#
loop_
_entity_poly.entity_id
_entity_poly.type
_entity_poly.pdbx_seq_one_letter_code
_entity_poly.pdbx_strand_id
1 'polypeptide(L)'
;GSHSMRYFHTSVSRPGRGEPRFITVGYVDDTLFVRFDSDAASPREEPRAPWIEQEGPEYWDRETQICKAKAQTDREDLRT
LLRYYNQSEAGSHTLQNMYGCDVGPDGRLLRGYHQHAYDGKDYIALNEDLSSWTAADTAAQITQRKWEAARVAEQLRAYL
EGECVEWLRRYLENGKETLQRADPPKTHVTHHPISDHEATLRCWALGFYPAEITLTWQRDGEDQTQDTELVETRPAGDRT
FQKWAAVVVPSGEEQRYTCHVQHEGLPKPLTLRWEP
;
A,D
2 'polypeptide(L)'
;MIQRTPKIQVYSRHPAENGKSNFLNCYVSGFHPSDIEVDLLKNGERIEKVEHSDLSFSKDWSFYLLYYTEFTPTEKDEYA
CRVNHVTLSQPKIVKWDRDM
;
B,E
3 'polypeptide(L)' RRKWRRWHL C,F
#
loop_
_chem_comp.id
_chem_comp.type
_chem_comp.name
_chem_comp.formula
CL non-polymer 'CHLORIDE ION' 'Cl -1'
CU non-polymer 'COPPER (II) ION' 'Cu 2'
GOL non-polymer GLYCEROL 'C3 H8 O3'
#
# COMPACT_ATOMS: atom_id res chain seq x y z
N GLY A 1 -30.44 -26.58 0.58
CA GLY A 1 -30.49 -25.68 -0.56
C GLY A 1 -30.62 -26.41 -1.90
N SER A 2 -29.90 -25.93 -2.90
CA SER A 2 -29.69 -26.66 -4.14
C SER A 2 -28.24 -27.11 -4.17
N HIS A 3 -28.02 -28.38 -4.54
CA HIS A 3 -26.70 -28.96 -4.39
C HIS A 3 -26.16 -29.56 -5.70
N SER A 4 -24.86 -29.80 -5.71
CA SER A 4 -24.16 -30.28 -6.89
C SER A 4 -22.96 -31.13 -6.49
N MET A 5 -22.48 -31.90 -7.45
CA MET A 5 -21.26 -32.69 -7.31
C MET A 5 -20.58 -32.69 -8.68
N ARG A 6 -19.25 -32.49 -8.66
CA ARG A 6 -18.43 -32.32 -9.85
C ARG A 6 -17.12 -33.03 -9.59
N TYR A 7 -16.55 -33.61 -10.66
CA TYR A 7 -15.18 -34.11 -10.68
C TYR A 7 -14.41 -33.39 -11.78
N PHE A 8 -13.29 -32.77 -11.41
CA PHE A 8 -12.52 -31.96 -12.33
C PHE A 8 -11.23 -32.70 -12.66
N HIS A 9 -10.85 -32.70 -13.94
CA HIS A 9 -9.65 -33.41 -14.37
C HIS A 9 -8.84 -32.47 -15.23
N THR A 10 -7.53 -32.44 -14.99
CA THR A 10 -6.61 -31.75 -15.89
C THR A 10 -5.44 -32.68 -16.17
N SER A 11 -5.12 -32.83 -17.46
CA SER A 11 -3.93 -33.53 -17.90
C SER A 11 -3.12 -32.53 -18.69
N VAL A 12 -1.84 -32.41 -18.35
CA VAL A 12 -0.94 -31.41 -18.92
C VAL A 12 0.32 -32.14 -19.37
N SER A 13 0.49 -32.26 -20.67
CA SER A 13 1.68 -32.91 -21.22
C SER A 13 2.90 -32.02 -21.01
N ARG A 14 4.04 -32.67 -20.86
CA ARG A 14 5.29 -31.95 -20.62
C ARG A 14 6.38 -32.74 -21.33
N PRO A 15 6.48 -32.59 -22.65
CA PRO A 15 7.35 -33.45 -23.44
C PRO A 15 8.79 -33.31 -22.99
N GLY A 16 9.42 -34.44 -22.71
CA GLY A 16 10.77 -34.41 -22.18
C GLY A 16 10.88 -34.27 -20.69
N ARG A 17 9.76 -34.26 -19.95
CA ARG A 17 9.80 -34.22 -18.50
C ARG A 17 8.86 -35.28 -17.95
N GLY A 18 8.92 -36.47 -18.54
CA GLY A 18 8.15 -37.61 -18.11
C GLY A 18 6.73 -37.64 -18.67
N GLU A 19 5.89 -38.46 -18.03
CA GLU A 19 4.48 -38.63 -18.36
CA GLU A 19 4.52 -38.57 -18.49
C GLU A 19 3.74 -37.31 -18.14
N PRO A 20 2.55 -37.14 -18.72
CA PRO A 20 1.75 -35.95 -18.42
C PRO A 20 1.34 -35.86 -16.96
N ARG A 21 1.28 -34.64 -16.47
CA ARG A 21 0.78 -34.38 -15.12
C ARG A 21 -0.74 -34.53 -15.10
N PHE A 22 -1.25 -35.34 -14.18
CA PHE A 22 -2.69 -35.54 -14.01
C PHE A 22 -3.11 -35.13 -12.60
N ILE A 23 -3.99 -34.16 -12.50
CA ILE A 23 -4.58 -33.77 -11.22
C ILE A 23 -6.10 -33.82 -11.34
N THR A 24 -6.77 -34.40 -10.35
CA THR A 24 -8.23 -34.42 -10.35
C THR A 24 -8.74 -34.14 -8.95
N VAL A 25 -9.79 -33.34 -8.87
CA VAL A 25 -10.43 -32.99 -7.61
C VAL A 25 -11.92 -33.25 -7.74
N GLY A 26 -12.55 -33.55 -6.61
CA GLY A 26 -13.99 -33.74 -6.55
C GLY A 26 -14.60 -32.77 -5.55
N TYR A 27 -15.76 -32.25 -5.91
CA TYR A 27 -16.42 -31.25 -5.10
C TYR A 27 -17.86 -31.66 -4.88
N VAL A 28 -18.36 -31.34 -3.70
CA VAL A 28 -19.78 -31.26 -3.40
C VAL A 28 -20.05 -29.80 -3.09
N ASP A 29 -20.80 -29.14 -3.95
CA ASP A 29 -21.06 -27.70 -3.88
C ASP A 29 -19.72 -26.97 -3.93
N ASP A 30 -19.35 -26.20 -2.90
CA ASP A 30 -18.08 -25.51 -2.88
C ASP A 30 -17.11 -26.11 -1.86
N THR A 31 -17.31 -27.38 -1.53
CA THR A 31 -16.46 -28.10 -0.59
C THR A 31 -15.66 -29.15 -1.35
N LEU A 32 -14.34 -29.00 -1.34
CA LEU A 32 -13.45 -30.03 -1.88
C LEU A 32 -13.40 -31.22 -0.93
N PHE A 33 -13.57 -32.43 -1.45
CA PHE A 33 -13.56 -33.60 -0.58
C PHE A 33 -12.67 -34.75 -1.05
N VAL A 34 -12.34 -34.86 -2.35
CA VAL A 34 -11.34 -35.83 -2.80
C VAL A 34 -10.35 -35.12 -3.70
N ARG A 35 -9.15 -35.69 -3.79
CA ARG A 35 -8.10 -35.20 -4.67
C ARG A 35 -7.26 -36.39 -5.12
N PHE A 36 -6.67 -36.26 -6.30
CA PHE A 36 -5.71 -37.24 -6.80
C PHE A 36 -4.72 -36.51 -7.68
N ASP A 37 -3.44 -36.51 -7.25
CA ASP A 37 -2.35 -35.85 -7.95
C ASP A 37 -1.36 -36.93 -8.39
N SER A 38 -1.21 -37.10 -9.70
CA SER A 38 -0.34 -38.17 -10.21
C SER A 38 1.12 -37.92 -9.84
N ASP A 39 1.51 -36.67 -9.64
CA ASP A 39 2.86 -36.35 -9.20
C ASP A 39 3.09 -36.61 -7.72
N ALA A 40 2.07 -37.04 -6.99
CA ALA A 40 2.34 -37.56 -5.66
C ALA A 40 3.12 -38.88 -5.80
N ALA A 41 3.82 -39.26 -4.72
CA ALA A 41 4.78 -40.35 -4.77
C ALA A 41 4.15 -41.67 -5.22
N SER A 42 3.26 -42.22 -4.39
CA SER A 42 2.54 -43.45 -4.70
C SER A 42 1.07 -43.07 -4.65
N PRO A 43 0.54 -42.50 -5.72
CA PRO A 43 -0.71 -41.74 -5.61
C PRO A 43 -1.92 -42.63 -5.41
N ARG A 44 -2.75 -42.20 -4.46
CA ARG A 44 -4.08 -42.73 -4.22
C ARG A 44 -4.97 -41.53 -4.15
N GLU A 45 -6.27 -41.74 -4.31
CA GLU A 45 -7.18 -40.65 -4.04
C GLU A 45 -7.24 -40.46 -2.54
N GLU A 46 -7.12 -39.22 -2.10
CA GLU A 46 -7.11 -38.93 -0.69
C GLU A 46 -8.37 -38.17 -0.26
N PRO A 47 -8.73 -38.23 1.02
CA PRO A 47 -9.87 -37.45 1.50
C PRO A 47 -9.45 -36.00 1.74
N ARG A 48 -10.44 -35.11 1.61
CA ARG A 48 -10.21 -33.68 1.81
C ARG A 48 -11.35 -33.02 2.57
N ALA A 49 -12.21 -33.83 3.19
CA ALA A 49 -13.29 -33.37 4.07
C ALA A 49 -13.60 -34.52 5.01
N PRO A 50 -13.98 -34.24 6.26
CA PRO A 50 -14.10 -35.32 7.24
C PRO A 50 -15.18 -36.32 6.93
N TRP A 51 -16.26 -35.91 6.24
CA TRP A 51 -17.40 -36.80 6.04
C TRP A 51 -17.14 -37.84 4.97
N ILE A 52 -16.03 -37.75 4.24
CA ILE A 52 -15.71 -38.81 3.30
C ILE A 52 -14.71 -39.80 3.89
N GLU A 53 -13.97 -39.42 4.94
CA GLU A 53 -13.00 -40.35 5.53
C GLU A 53 -13.67 -41.60 6.02
N GLN A 54 -14.95 -41.52 6.39
CA GLN A 54 -15.66 -42.69 6.90
C GLN A 54 -15.78 -43.78 5.85
N GLU A 55 -15.77 -43.46 4.56
CA GLU A 55 -15.95 -44.50 3.55
C GLU A 55 -14.88 -45.57 3.72
N GLY A 56 -15.25 -46.82 3.44
CA GLY A 56 -14.40 -47.94 3.75
C GLY A 56 -13.18 -48.00 2.85
N PRO A 57 -12.36 -49.03 3.03
CA PRO A 57 -11.17 -49.13 2.18
C PRO A 57 -11.53 -49.44 0.74
N GLU A 58 -12.60 -50.20 0.51
CA GLU A 58 -13.02 -50.51 -0.86
C GLU A 58 -13.42 -49.24 -1.61
N TYR A 59 -14.09 -48.32 -0.94
CA TYR A 59 -14.37 -47.03 -1.56
C TYR A 59 -13.10 -46.45 -2.14
N TRP A 60 -12.06 -46.36 -1.32
CA TRP A 60 -10.84 -45.65 -1.69
C TRP A 60 -10.01 -46.41 -2.72
N ASP A 61 -10.06 -47.75 -2.70
CA ASP A 61 -9.37 -48.55 -3.69
C ASP A 61 -10.04 -48.41 -5.05
N ARG A 62 -11.37 -48.33 -5.05
CA ARG A 62 -12.13 -48.09 -6.27
C ARG A 62 -11.87 -46.69 -6.81
N GLU A 63 -11.78 -45.69 -5.94
CA GLU A 63 -11.48 -44.35 -6.44
C GLU A 63 -10.08 -44.26 -7.02
N THR A 64 -9.10 -44.88 -6.37
CA THR A 64 -7.73 -44.78 -6.87
C THR A 64 -7.59 -45.52 -8.18
N GLN A 65 -8.22 -46.68 -8.27
CA GLN A 65 -8.21 -47.43 -9.52
C GLN A 65 -8.76 -46.57 -10.66
N ILE A 66 -9.84 -45.84 -10.40
CA ILE A 66 -10.43 -45.02 -11.45
C ILE A 66 -9.47 -43.90 -11.86
N CYS A 67 -8.90 -43.20 -10.88
CA CYS A 67 -8.00 -42.09 -11.18
C CYS A 67 -6.82 -42.55 -12.02
N LYS A 68 -6.32 -43.76 -11.77
CA LYS A 68 -5.16 -44.27 -12.51
C LYS A 68 -5.52 -44.54 -13.97
N ALA A 69 -6.64 -45.25 -14.20
CA ALA A 69 -7.10 -45.54 -15.56
C ALA A 69 -7.42 -44.26 -16.31
N LYS A 70 -8.02 -43.29 -15.62
CA LYS A 70 -8.29 -42.01 -16.26
C LYS A 70 -6.99 -41.33 -16.68
N ALA A 71 -5.98 -41.34 -15.80
CA ALA A 71 -4.71 -40.75 -16.15
C ALA A 71 -4.10 -41.46 -17.35
N GLN A 72 -4.19 -42.79 -17.37
CA GLN A 72 -3.78 -43.53 -18.57
C GLN A 72 -4.60 -43.11 -19.79
N THR A 73 -5.92 -42.97 -19.64
CA THR A 73 -6.78 -42.61 -20.77
C THR A 73 -6.40 -41.25 -21.34
N ASP A 74 -6.13 -40.28 -20.48
CA ASP A 74 -5.67 -38.99 -20.98
C ASP A 74 -4.27 -39.03 -21.57
N ARG A 75 -3.49 -40.07 -21.29
CA ARG A 75 -2.18 -40.15 -21.94
C ARG A 75 -2.35 -40.60 -23.39
N GLU A 76 -3.15 -41.65 -23.60
CA GLU A 76 -3.58 -42.00 -24.95
C GLU A 76 -4.18 -40.78 -25.65
N ASP A 77 -5.21 -40.19 -25.03
CA ASP A 77 -5.99 -39.14 -25.68
C ASP A 77 -5.14 -37.91 -26.01
N LEU A 78 -4.17 -37.57 -25.16
CA LEU A 78 -3.29 -36.45 -25.48
C LEU A 78 -2.53 -36.70 -26.77
N ARG A 79 -2.05 -37.94 -26.99
CA ARG A 79 -1.36 -38.25 -28.23
C ARG A 79 -2.33 -38.28 -29.40
N THR A 80 -3.52 -38.84 -29.17
CA THR A 80 -4.58 -38.83 -30.17
C THR A 80 -4.93 -37.40 -30.59
N LEU A 81 -5.02 -36.49 -29.64
CA LEU A 81 -5.38 -35.13 -30.02
C LEU A 81 -4.29 -34.47 -30.87
N LEU A 82 -3.02 -34.87 -30.70
CA LEU A 82 -1.95 -34.33 -31.55
C LEU A 82 -2.15 -34.72 -33.01
N ARG A 83 -2.61 -35.95 -33.26
CA ARG A 83 -3.01 -36.38 -34.60
C ARG A 83 -4.19 -35.58 -35.13
N TYR A 84 -5.23 -35.40 -34.30
CA TYR A 84 -6.48 -34.79 -34.79
C TYR A 84 -6.30 -33.33 -35.17
N TYR A 85 -5.28 -32.67 -34.63
CA TYR A 85 -5.05 -31.25 -34.87
C TYR A 85 -3.78 -30.97 -35.67
N ASN A 86 -3.08 -32.01 -36.16
CA ASN A 86 -1.82 -31.86 -36.87
C ASN A 86 -0.89 -30.92 -36.10
N GLN A 87 -0.50 -31.37 -34.91
CA GLN A 87 0.41 -30.66 -34.04
C GLN A 87 1.71 -31.43 -33.82
N SER A 88 2.71 -30.72 -33.27
CA SER A 88 4.01 -31.29 -32.95
C SER A 88 3.99 -32.04 -31.62
N GLU A 89 4.91 -33.01 -31.48
CA GLU A 89 5.15 -33.63 -30.18
C GLU A 89 5.99 -32.76 -29.24
N ALA A 90 6.52 -31.65 -29.74
CA ALA A 90 7.38 -30.80 -28.92
C ALA A 90 6.58 -30.08 -27.83
N GLY A 91 5.33 -29.73 -28.11
CA GLY A 91 4.62 -28.80 -27.26
C GLY A 91 3.90 -29.42 -26.06
N SER A 92 3.57 -28.55 -25.12
CA SER A 92 2.77 -28.91 -23.96
C SER A 92 1.30 -28.63 -24.25
N HIS A 93 0.42 -29.60 -23.99
CA HIS A 93 -1.02 -29.41 -24.18
C HIS A 93 -1.82 -29.82 -22.96
N THR A 94 -3.09 -29.37 -22.92
CA THR A 94 -3.96 -29.53 -21.76
C THR A 94 -5.31 -30.13 -22.15
N LEU A 95 -5.62 -31.29 -21.58
CA LEU A 95 -6.94 -31.92 -21.65
C LEU A 95 -7.68 -31.71 -20.34
N GLN A 96 -8.82 -31.01 -20.40
CA GLN A 96 -9.69 -30.87 -19.24
C GLN A 96 -10.98 -31.65 -19.46
N ASN A 97 -11.58 -32.03 -18.34
CA ASN A 97 -12.80 -32.81 -18.32
C ASN A 97 -13.49 -32.53 -16.99
N MET A 98 -14.75 -32.12 -17.06
CA MET A 98 -15.63 -31.98 -15.91
C MET A 98 -16.91 -32.76 -16.16
N TYR A 99 -17.34 -33.52 -15.16
CA TYR A 99 -18.63 -34.17 -15.18
C TYR A 99 -19.21 -34.16 -13.76
N GLY A 100 -20.53 -34.28 -13.68
CA GLY A 100 -21.20 -34.25 -12.39
C GLY A 100 -22.70 -33.98 -12.57
N CYS A 101 -23.36 -33.76 -11.42
CA CYS A 101 -24.80 -33.57 -11.46
C CYS A 101 -25.23 -32.47 -10.50
N ASP A 102 -26.39 -31.90 -10.80
CA ASP A 102 -27.11 -30.97 -9.95
C ASP A 102 -28.40 -31.63 -9.49
N VAL A 103 -28.75 -31.41 -8.21
CA VAL A 103 -30.00 -31.89 -7.64
C VAL A 103 -30.70 -30.74 -6.95
N GLY A 104 -32.02 -30.83 -6.86
CA GLY A 104 -32.82 -29.81 -6.20
C GLY A 104 -33.13 -30.16 -4.76
N PRO A 105 -34.00 -29.38 -4.11
CA PRO A 105 -34.38 -29.69 -2.72
C PRO A 105 -34.98 -31.07 -2.55
N ASP A 106 -35.60 -31.58 -3.61
CA ASP A 106 -36.17 -32.91 -3.60
C ASP A 106 -35.13 -34.02 -3.58
N GLY A 107 -33.89 -33.73 -3.96
CA GLY A 107 -32.91 -34.76 -4.18
C GLY A 107 -32.92 -35.35 -5.57
N ARG A 108 -33.73 -34.82 -6.49
CA ARG A 108 -33.82 -35.33 -7.84
C ARG A 108 -32.97 -34.51 -8.79
N LEU A 109 -32.52 -35.20 -9.85
CA LEU A 109 -31.60 -34.62 -10.84
C LEU A 109 -32.18 -33.37 -11.44
N LEU A 110 -31.44 -32.27 -11.35
CA LEU A 110 -31.77 -31.09 -12.12
C LEU A 110 -31.00 -31.02 -13.44
N ARG A 111 -29.79 -31.57 -13.48
CA ARG A 111 -28.94 -31.44 -14.65
C ARG A 111 -27.70 -32.31 -14.47
N GLY A 112 -27.24 -32.92 -15.55
CA GLY A 112 -26.01 -33.67 -15.54
C GLY A 112 -25.03 -33.08 -16.54
N TYR A 113 -23.74 -33.23 -16.26
CA TYR A 113 -22.70 -32.67 -17.12
C TYR A 113 -21.64 -33.71 -17.42
N HIS A 114 -20.95 -33.51 -18.55
CA HIS A 114 -19.76 -34.25 -18.94
C HIS A 114 -19.10 -33.61 -20.17
N GLN A 115 -18.21 -32.64 -19.98
CA GLN A 115 -17.71 -31.87 -21.11
C GLN A 115 -16.19 -31.85 -21.09
N HIS A 116 -15.61 -31.67 -22.28
CA HIS A 116 -14.16 -31.69 -22.47
C HIS A 116 -13.65 -30.40 -23.08
N ALA A 117 -12.40 -30.07 -22.71
CA ALA A 117 -11.69 -28.93 -23.27
C ALA A 117 -10.27 -29.33 -23.60
N TYR A 118 -9.77 -28.82 -24.72
CA TYR A 118 -8.42 -29.11 -25.17
C TYR A 118 -7.71 -27.80 -25.43
N ASP A 119 -6.60 -27.58 -24.73
CA ASP A 119 -5.84 -26.34 -24.79
C ASP A 119 -6.72 -25.14 -24.45
N GLY A 120 -7.63 -25.33 -23.49
CA GLY A 120 -8.47 -24.25 -22.99
C GLY A 120 -9.73 -23.96 -23.79
N LYS A 121 -10.02 -24.72 -24.84
CA LYS A 121 -11.17 -24.47 -25.70
C LYS A 121 -12.11 -25.66 -25.64
N ASP A 122 -13.42 -25.37 -25.65
CA ASP A 122 -14.43 -26.42 -25.67
C ASP A 122 -14.11 -27.43 -26.75
N TYR A 123 -14.23 -28.72 -26.43
CA TYR A 123 -13.99 -29.76 -27.41
C TYR A 123 -15.28 -30.52 -27.72
N ILE A 124 -15.65 -31.45 -26.85
CA ILE A 124 -16.92 -32.13 -26.97
C ILE A 124 -17.63 -32.05 -25.62
N ALA A 125 -18.96 -31.95 -25.69
CA ALA A 125 -19.78 -31.84 -24.49
C ALA A 125 -21.02 -32.70 -24.62
N LEU A 126 -21.41 -33.34 -23.53
CA LEU A 126 -22.71 -33.99 -23.47
C LEU A 126 -23.77 -32.92 -23.31
N ASN A 127 -24.82 -32.97 -24.14
CA ASN A 127 -25.84 -31.92 -24.06
C ASN A 127 -26.77 -32.17 -22.87
N GLU A 128 -27.49 -31.12 -22.46
CA GLU A 128 -28.35 -31.23 -21.29
C GLU A 128 -29.33 -32.37 -21.40
N ASP A 129 -29.68 -32.79 -22.62
CA ASP A 129 -30.55 -33.95 -22.77
C ASP A 129 -29.85 -35.26 -22.43
N LEU A 130 -28.53 -35.23 -22.17
CA LEU A 130 -27.77 -36.43 -21.80
C LEU A 130 -27.95 -37.54 -22.84
N SER A 131 -28.13 -37.16 -24.11
CA SER A 131 -28.35 -38.17 -25.15
C SER A 131 -27.82 -37.69 -26.49
N SER A 132 -27.39 -36.43 -26.56
CA SER A 132 -26.82 -35.86 -27.76
C SER A 132 -25.59 -35.05 -27.38
N TRP A 133 -24.69 -34.86 -28.35
CA TRP A 133 -23.41 -34.17 -28.14
C TRP A 133 -23.34 -32.86 -28.92
N THR A 134 -22.49 -31.95 -28.44
CA THR A 134 -22.11 -30.78 -29.21
C THR A 134 -20.60 -30.83 -29.45
N ALA A 135 -20.22 -31.05 -30.72
CA ALA A 135 -18.82 -31.11 -31.12
C ALA A 135 -18.33 -29.74 -31.53
N ALA A 136 -17.23 -29.28 -30.91
CA ALA A 136 -16.76 -27.91 -31.17
C ALA A 136 -16.09 -27.74 -32.52
N ASP A 137 -15.70 -28.84 -33.20
CA ASP A 137 -14.99 -28.71 -34.48
C ASP A 137 -14.94 -30.07 -35.18
N THR A 138 -14.21 -30.13 -36.30
CA THR A 138 -14.11 -31.38 -37.05
C THR A 138 -13.21 -32.41 -36.37
N ALA A 139 -12.32 -31.98 -35.48
CA ALA A 139 -11.64 -32.97 -34.66
C ALA A 139 -12.62 -33.59 -33.65
N ALA A 140 -13.32 -32.78 -32.84
CA ALA A 140 -14.29 -33.35 -31.92
C ALA A 140 -15.42 -34.12 -32.63
N GLN A 141 -15.67 -33.86 -33.91
CA GLN A 141 -16.62 -34.69 -34.65
C GLN A 141 -16.14 -36.14 -34.76
N ILE A 142 -14.81 -36.37 -34.82
CA ILE A 142 -14.27 -37.73 -34.85
C ILE A 142 -14.61 -38.46 -33.55
N THR A 143 -14.60 -37.73 -32.44
CA THR A 143 -14.98 -38.32 -31.16
C THR A 143 -16.49 -38.55 -31.09
N GLN A 144 -17.28 -37.51 -31.39
CA GLN A 144 -18.73 -37.71 -31.44
C GLN A 144 -19.09 -38.93 -32.28
N ARG A 145 -18.35 -39.16 -33.38
CA ARG A 145 -18.48 -40.40 -34.15
C ARG A 145 -18.18 -41.62 -33.29
N LYS A 146 -16.98 -41.66 -32.69
CA LYS A 146 -16.60 -42.82 -31.87
C LYS A 146 -17.51 -42.97 -30.66
N TRP A 147 -18.02 -41.88 -30.13
CA TRP A 147 -18.87 -42.04 -28.96
C TRP A 147 -20.33 -42.33 -29.28
N GLU A 148 -20.81 -41.97 -30.49
CA GLU A 148 -22.17 -42.36 -30.86
C GLU A 148 -22.27 -43.85 -31.14
N ALA A 149 -21.24 -44.41 -31.78
CA ALA A 149 -21.17 -45.83 -32.07
C ALA A 149 -20.93 -46.68 -30.83
N ALA A 150 -20.62 -46.07 -29.70
CA ALA A 150 -20.48 -46.82 -28.46
C ALA A 150 -21.65 -46.61 -27.51
N ARG A 151 -22.61 -45.75 -27.86
CA ARG A 151 -23.70 -45.38 -26.95
C ARG A 151 -23.13 -44.89 -25.63
N VAL A 152 -22.15 -44.00 -25.72
CA VAL A 152 -21.57 -43.41 -24.53
C VAL A 152 -22.60 -42.52 -23.83
N ALA A 153 -23.37 -41.76 -24.60
CA ALA A 153 -24.44 -40.97 -24.01
C ALA A 153 -25.34 -41.82 -23.11
N GLU A 154 -25.80 -42.96 -23.63
CA GLU A 154 -26.62 -43.87 -22.82
C GLU A 154 -25.91 -44.24 -21.52
N GLN A 155 -24.60 -44.45 -21.56
CA GLN A 155 -23.90 -44.89 -20.35
C GLN A 155 -23.59 -43.73 -19.40
N LEU A 156 -23.19 -42.57 -19.95
CA LEU A 156 -23.11 -41.37 -19.12
C LEU A 156 -24.46 -41.07 -18.48
N ARG A 157 -25.52 -41.13 -19.28
CA ARG A 157 -26.86 -40.86 -18.76
C ARG A 157 -27.20 -41.83 -17.64
N ALA A 158 -26.83 -43.11 -17.77
CA ALA A 158 -27.11 -44.03 -16.68
C ALA A 158 -26.38 -43.61 -15.40
N TYR A 159 -25.10 -43.23 -15.52
CA TYR A 159 -24.37 -42.77 -14.35
C TYR A 159 -24.96 -41.49 -13.79
N LEU A 160 -25.14 -40.47 -14.63
CA LEU A 160 -25.53 -39.16 -14.10
C LEU A 160 -26.90 -39.18 -13.43
N GLU A 161 -27.81 -40.02 -13.93
CA GLU A 161 -29.15 -40.11 -13.34
C GLU A 161 -29.17 -40.99 -12.11
N GLY A 162 -28.37 -42.05 -12.07
CA GLY A 162 -28.38 -43.01 -11.00
C GLY A 162 -27.33 -42.68 -9.96
N GLU A 163 -26.11 -43.18 -10.15
CA GLU A 163 -25.09 -43.14 -9.10
C GLU A 163 -24.75 -41.73 -8.68
N CYS A 164 -24.54 -40.83 -9.65
CA CYS A 164 -24.22 -39.45 -9.31
C CYS A 164 -25.19 -38.91 -8.26
N VAL A 165 -26.49 -39.05 -8.51
CA VAL A 165 -27.50 -38.53 -7.60
C VAL A 165 -27.52 -39.34 -6.29
N GLU A 166 -27.46 -40.67 -6.42
CA GLU A 166 -27.31 -41.59 -5.28
C GLU A 166 -26.27 -41.08 -4.27
N TRP A 167 -25.03 -40.92 -4.73
CA TRP A 167 -23.93 -40.67 -3.82
C TRP A 167 -23.89 -39.23 -3.37
N LEU A 168 -24.27 -38.28 -4.23
CA LEU A 168 -24.39 -36.91 -3.75
C LEU A 168 -25.39 -36.83 -2.60
N ARG A 169 -26.55 -37.49 -2.73
CA ARG A 169 -27.51 -37.53 -1.64
C ARG A 169 -26.89 -38.14 -0.39
N ARG A 170 -26.12 -39.21 -0.57
CA ARG A 170 -25.43 -39.83 0.57
C ARG A 170 -24.49 -38.84 1.25
N TYR A 171 -23.64 -38.16 0.46
CA TYR A 171 -22.67 -37.21 1.03
C TYR A 171 -23.38 -36.07 1.74
N LEU A 172 -24.52 -35.62 1.20
CA LEU A 172 -25.29 -34.57 1.85
C LEU A 172 -25.83 -35.01 3.21
N GLU A 173 -25.92 -36.32 3.46
CA GLU A 173 -26.27 -36.88 4.75
C GLU A 173 -25.05 -37.08 5.64
N ASN A 174 -23.99 -37.69 5.11
CA ASN A 174 -22.76 -37.85 5.89
C ASN A 174 -22.16 -36.51 6.32
N GLY A 175 -22.30 -35.50 5.48
CA GLY A 175 -21.78 -34.18 5.78
C GLY A 175 -22.88 -33.15 5.98
N LYS A 176 -24.06 -33.58 6.45
CA LYS A 176 -25.14 -32.60 6.60
C LYS A 176 -24.75 -31.50 7.56
N GLU A 177 -23.89 -31.81 8.55
CA GLU A 177 -23.40 -30.83 9.49
C GLU A 177 -22.89 -29.58 8.78
N THR A 178 -22.09 -29.76 7.74
CA THR A 178 -21.47 -28.68 6.98
C THR A 178 -22.04 -28.49 5.58
N LEU A 179 -22.35 -29.59 4.88
CA LEU A 179 -22.85 -29.44 3.50
C LEU A 179 -24.23 -28.80 3.48
N GLN A 180 -25.03 -29.01 4.53
CA GLN A 180 -26.41 -28.51 4.61
C GLN A 180 -26.55 -27.23 5.42
N ARG A 181 -25.48 -26.76 6.08
CA ARG A 181 -25.46 -25.48 6.78
C ARG A 181 -24.88 -24.41 5.89
N ALA A 182 -25.56 -23.28 5.85
CA ALA A 182 -25.11 -22.08 5.17
C ALA A 182 -24.53 -21.12 6.20
N ASP A 183 -23.30 -20.72 6.00
CA ASP A 183 -22.76 -19.70 6.87
C ASP A 183 -23.13 -18.35 6.30
N PRO A 184 -23.88 -17.53 7.02
CA PRO A 184 -24.26 -16.23 6.49
C PRO A 184 -23.06 -15.31 6.42
N PRO A 185 -23.06 -14.35 5.51
CA PRO A 185 -21.93 -13.42 5.43
C PRO A 185 -21.98 -12.40 6.55
N LYS A 186 -20.80 -12.08 7.07
CA LYS A 186 -20.60 -10.94 7.95
C LYS A 186 -20.33 -9.71 7.09
N THR A 187 -21.16 -8.69 7.25
CA THR A 187 -21.15 -7.54 6.35
C THR A 187 -20.76 -6.27 7.09
N HIS A 188 -20.05 -5.40 6.39
CA HIS A 188 -19.62 -4.11 6.91
C HIS A 188 -19.43 -3.18 5.72
N VAL A 189 -19.67 -1.89 5.94
CA VAL A 189 -19.43 -0.87 4.92
C VAL A 189 -18.25 -0.03 5.37
N THR A 190 -17.23 0.05 4.53
CA THR A 190 -16.06 0.86 4.80
C THR A 190 -16.05 2.08 3.89
N HIS A 191 -15.36 3.11 4.36
CA HIS A 191 -15.30 4.42 3.70
C HIS A 191 -13.84 4.78 3.54
N HIS A 192 -13.39 4.93 2.30
CA HIS A 192 -11.97 5.14 2.03
C HIS A 192 -11.72 6.51 1.43
N PRO A 193 -11.13 7.44 2.18
CA PRO A 193 -10.81 8.74 1.60
C PRO A 193 -9.66 8.58 0.62
N ILE A 194 -9.93 8.84 -0.65
CA ILE A 194 -8.87 8.80 -1.66
C ILE A 194 -8.21 10.16 -1.81
N SER A 195 -9.02 11.20 -1.98
CA SER A 195 -8.49 12.54 -2.07
C SER A 195 -9.49 13.50 -1.46
N ASP A 196 -9.09 14.77 -1.41
CA ASP A 196 -9.94 15.86 -1.01
C ASP A 196 -11.32 15.77 -1.63
N HIS A 197 -11.40 15.20 -2.83
CA HIS A 197 -12.58 15.37 -3.67
C HIS A 197 -13.56 14.20 -3.60
N GLU A 198 -13.09 12.97 -3.45
CA GLU A 198 -13.98 11.81 -3.40
C GLU A 198 -13.42 10.72 -2.50
N ALA A 199 -14.32 9.88 -2.01
CA ALA A 199 -13.95 8.71 -1.23
C ALA A 199 -14.69 7.48 -1.77
N THR A 200 -14.12 6.31 -1.50
CA THR A 200 -14.65 5.04 -2.00
C THR A 200 -15.33 4.27 -0.88
N LEU A 201 -16.53 3.77 -1.16
CA LEU A 201 -17.31 2.96 -0.24
C LEU A 201 -17.23 1.50 -0.67
N ARG A 202 -16.75 0.63 0.22
CA ARG A 202 -16.54 -0.78 -0.07
C ARG A 202 -17.51 -1.62 0.75
N CYS A 203 -18.37 -2.37 0.07
CA CYS A 203 -19.33 -3.27 0.70
C CYS A 203 -18.72 -4.66 0.82
N TRP A 204 -18.40 -5.09 2.04
CA TRP A 204 -17.74 -6.37 2.30
C TRP A 204 -18.74 -7.46 2.63
N ALA A 205 -18.43 -8.69 2.20
CA ALA A 205 -19.11 -9.89 2.66
C ALA A 205 -18.05 -10.94 2.93
N LEU A 206 -18.00 -11.44 4.17
CA LEU A 206 -16.93 -12.34 4.59
C LEU A 206 -17.50 -13.58 5.29
N GLY A 207 -16.72 -14.67 5.23
CA GLY A 207 -17.05 -15.87 5.96
C GLY A 207 -18.36 -16.55 5.56
N PHE A 208 -18.75 -16.49 4.30
CA PHE A 208 -20.00 -17.10 3.90
C PHE A 208 -19.74 -18.39 3.13
N TYR A 209 -20.59 -19.38 3.39
CA TYR A 209 -20.65 -20.62 2.65
C TYR A 209 -22.14 -20.80 2.35
N PRO A 210 -22.50 -21.20 1.11
CA PRO A 210 -21.65 -21.48 -0.06
C PRO A 210 -21.03 -20.21 -0.67
N ALA A 211 -20.54 -20.31 -1.91
CA ALA A 211 -19.87 -19.18 -2.56
C ALA A 211 -20.86 -18.27 -3.26
N GLU A 212 -22.00 -18.81 -3.67
CA GLU A 212 -23.05 -18.01 -4.28
C GLU A 212 -23.45 -16.85 -3.38
N ILE A 213 -23.36 -15.65 -3.93
CA ILE A 213 -23.67 -14.42 -3.23
C ILE A 213 -23.81 -13.33 -4.28
N THR A 214 -24.62 -12.33 -3.98
CA THR A 214 -24.77 -11.19 -4.89
C THR A 214 -24.65 -9.92 -4.07
N LEU A 215 -23.67 -9.08 -4.42
CA LEU A 215 -23.51 -7.78 -3.81
C LEU A 215 -23.81 -6.73 -4.87
N THR A 216 -24.58 -5.72 -4.48
CA THR A 216 -25.02 -4.71 -5.43
C THR A 216 -25.01 -3.35 -4.76
N TRP A 217 -24.41 -2.37 -5.43
CA TRP A 217 -24.42 -1.00 -4.99
C TRP A 217 -25.53 -0.29 -5.76
N GLN A 218 -26.49 0.27 -5.04
CA GLN A 218 -27.59 1.01 -5.65
C GLN A 218 -27.35 2.49 -5.39
N ARG A 219 -27.58 3.32 -6.41
CA ARG A 219 -27.61 4.76 -6.20
C ARG A 219 -29.06 5.21 -6.30
N ASP A 220 -29.57 5.78 -5.21
CA ASP A 220 -30.96 6.19 -5.11
C ASP A 220 -31.88 5.01 -5.37
N GLY A 221 -31.46 3.82 -4.90
CA GLY A 221 -32.18 2.60 -5.15
C GLY A 221 -32.04 2.06 -6.55
N GLU A 222 -31.20 2.68 -7.38
CA GLU A 222 -30.96 2.26 -8.75
C GLU A 222 -29.56 1.65 -8.82
N ASP A 223 -29.45 0.51 -9.48
CA ASP A 223 -28.19 -0.24 -9.52
C ASP A 223 -27.12 0.48 -10.34
N GLN A 224 -25.93 0.60 -9.77
CA GLN A 224 -24.77 1.20 -10.45
C GLN A 224 -23.94 0.13 -11.13
N THR A 225 -24.65 -0.77 -11.83
CA THR A 225 -24.06 -1.96 -12.42
C THR A 225 -22.79 -1.66 -13.20
N GLN A 226 -22.73 -0.49 -13.82
CA GLN A 226 -21.59 -0.15 -14.68
C GLN A 226 -20.42 0.41 -13.87
N ASP A 227 -20.69 1.31 -12.93
CA ASP A 227 -19.63 2.03 -12.22
C ASP A 227 -19.28 1.41 -10.87
N THR A 228 -19.58 0.13 -10.67
CA THR A 228 -19.29 -0.58 -9.43
C THR A 228 -18.09 -1.51 -9.65
N GLU A 229 -17.11 -1.45 -8.73
CA GLU A 229 -16.01 -2.41 -8.75
C GLU A 229 -16.37 -3.63 -7.91
N LEU A 230 -16.20 -4.82 -8.50
CA LEU A 230 -16.67 -6.08 -7.93
C LEU A 230 -15.58 -7.14 -8.13
N VAL A 231 -15.00 -7.62 -7.03
CA VAL A 231 -13.94 -8.63 -7.14
C VAL A 231 -14.55 -10.01 -7.31
N GLU A 232 -13.84 -10.88 -8.03
CA GLU A 232 -14.21 -12.28 -8.07
C GLU A 232 -14.26 -12.85 -6.66
N THR A 233 -15.23 -13.74 -6.41
CA THR A 233 -15.38 -14.35 -5.09
C THR A 233 -14.19 -15.24 -4.77
N ARG A 234 -13.60 -15.04 -3.57
CA ARG A 234 -12.33 -15.68 -3.26
C ARG A 234 -12.41 -16.55 -2.01
N PRO A 235 -11.61 -17.61 -1.93
CA PRO A 235 -11.68 -18.51 -0.77
C PRO A 235 -10.89 -17.93 0.40
N ALA A 236 -11.52 -17.96 1.57
CA ALA A 236 -10.80 -17.52 2.76
C ALA A 236 -9.68 -18.48 3.10
N GLY A 237 -9.87 -19.76 2.78
CA GLY A 237 -8.91 -20.80 3.08
C GLY A 237 -9.39 -21.77 4.14
N ASP A 238 -10.43 -21.41 4.87
CA ASP A 238 -11.01 -22.28 5.89
C ASP A 238 -12.39 -22.81 5.47
N ARG A 239 -12.67 -22.77 4.15
CA ARG A 239 -13.88 -23.22 3.45
C ARG A 239 -14.85 -22.06 3.20
N THR A 240 -14.78 -20.99 3.96
CA THR A 240 -15.69 -19.90 3.71
C THR A 240 -15.15 -19.05 2.56
N PHE A 241 -15.87 -18.00 2.22
CA PHE A 241 -15.56 -17.21 1.05
C PHE A 241 -15.66 -15.73 1.40
N GLN A 242 -15.02 -14.91 0.59
CA GLN A 242 -15.06 -13.47 0.74
C GLN A 242 -15.35 -12.83 -0.61
N LYS A 243 -15.89 -11.63 -0.56
CA LYS A 243 -16.10 -10.80 -1.74
C LYS A 243 -16.30 -9.36 -1.25
N TRP A 244 -16.01 -8.40 -2.13
CA TRP A 244 -16.44 -7.04 -1.85
C TRP A 244 -16.88 -6.36 -3.14
N ALA A 245 -17.75 -5.36 -2.96
CA ALA A 245 -18.22 -4.49 -4.03
C ALA A 245 -18.00 -3.04 -3.62
N ALA A 246 -17.46 -2.23 -4.54
CA ALA A 246 -17.06 -0.87 -4.22
C ALA A 246 -17.49 0.09 -5.30
N VAL A 247 -17.75 1.33 -4.89
CA VAL A 247 -18.11 2.41 -5.79
C VAL A 247 -17.35 3.66 -5.36
N VAL A 248 -16.93 4.47 -6.33
CA VAL A 248 -16.26 5.72 -6.06
C VAL A 248 -17.34 6.80 -6.03
N VAL A 249 -17.55 7.40 -4.87
CA VAL A 249 -18.70 8.27 -4.66
C VAL A 249 -18.20 9.68 -4.32
N PRO A 250 -18.94 10.73 -4.65
CA PRO A 250 -18.57 12.07 -4.17
C PRO A 250 -18.85 12.23 -2.70
N SER A 251 -17.91 12.85 -1.99
CA SER A 251 -18.11 13.15 -0.57
C SER A 251 -19.38 13.96 -0.38
N GLY A 252 -20.23 13.52 0.54
CA GLY A 252 -21.49 14.20 0.78
C GLY A 252 -22.72 13.53 0.19
N GLU A 253 -22.64 13.05 -1.05
CA GLU A 253 -23.72 12.28 -1.64
C GLU A 253 -23.68 10.81 -1.22
N GLU A 254 -22.91 10.49 -0.19
CA GLU A 254 -22.73 9.09 0.24
C GLU A 254 -24.07 8.44 0.62
N GLN A 255 -24.91 9.15 1.36
CA GLN A 255 -26.13 8.55 1.92
C GLN A 255 -27.20 8.24 0.87
N ARG A 256 -26.96 8.56 -0.40
CA ARG A 256 -27.88 8.15 -1.46
C ARG A 256 -27.75 6.67 -1.78
N TYR A 257 -26.59 6.08 -1.46
CA TYR A 257 -26.20 4.78 -1.99
C TYR A 257 -26.52 3.67 -0.99
N THR A 258 -27.12 2.60 -1.48
CA THR A 258 -27.46 1.44 -0.68
C THR A 258 -26.75 0.22 -1.25
N CYS A 259 -26.26 -0.64 -0.36
CA CYS A 259 -25.66 -1.90 -0.76
C CYS A 259 -26.61 -3.03 -0.41
N HIS A 260 -26.93 -3.88 -1.39
CA HIS A 260 -27.85 -4.98 -1.19
C HIS A 260 -27.09 -6.30 -1.28
N VAL A 261 -27.19 -7.10 -0.22
CA VAL A 261 -26.51 -8.39 -0.10
C VAL A 261 -27.56 -9.49 -0.19
N GLN A 262 -27.31 -10.47 -1.05
CA GLN A 262 -28.21 -11.61 -1.21
C GLN A 262 -27.40 -12.88 -1.00
N HIS A 263 -27.82 -13.70 -0.05
CA HIS A 263 -27.13 -14.95 0.21
C HIS A 263 -28.11 -15.91 0.86
N GLU A 264 -28.08 -17.18 0.42
CA GLU A 264 -29.02 -18.15 0.96
C GLU A 264 -28.86 -18.34 2.47
N GLY A 265 -27.69 -18.05 3.03
CA GLY A 265 -27.51 -18.11 4.47
C GLY A 265 -28.17 -17.00 5.26
N LEU A 266 -28.68 -15.96 4.56
CA LEU A 266 -29.34 -14.82 5.18
C LEU A 266 -30.85 -14.94 5.01
N PRO A 267 -31.62 -14.75 6.07
CA PRO A 267 -33.09 -14.75 5.92
C PRO A 267 -33.58 -13.71 4.93
N LYS A 268 -33.28 -12.44 5.19
CA LYS A 268 -33.68 -11.37 4.31
C LYS A 268 -32.48 -10.81 3.58
N PRO A 269 -32.64 -10.44 2.31
CA PRO A 269 -31.61 -9.63 1.66
C PRO A 269 -31.27 -8.44 2.55
N LEU A 270 -30.00 -8.08 2.58
CA LEU A 270 -29.56 -7.00 3.47
C LEU A 270 -29.62 -5.66 2.76
N THR A 271 -29.79 -4.61 3.57
CA THR A 271 -29.73 -3.23 3.11
C THR A 271 -28.72 -2.52 4.01
N LEU A 272 -27.60 -2.10 3.43
CA LEU A 272 -26.49 -1.54 4.18
C LEU A 272 -26.15 -0.15 3.67
N ARG A 273 -26.08 0.80 4.59
CA ARG A 273 -25.59 2.13 4.30
C ARG A 273 -24.22 2.32 4.96
N TRP A 274 -23.45 3.25 4.42
CA TRP A 274 -22.28 3.74 5.14
C TRP A 274 -22.73 4.57 6.34
N GLU A 275 -22.41 4.10 7.54
CA GLU A 275 -22.84 4.73 8.79
C GLU A 275 -21.63 5.24 9.56
N PRO A 276 -21.47 6.56 9.73
CA PRO A 276 -20.37 7.08 10.54
C PRO A 276 -20.55 6.82 12.03
N MET B 1 -4.37 -22.41 -29.19
CA MET B 1 -4.52 -22.14 -27.76
C MET B 1 -4.83 -20.68 -27.43
N ILE B 2 -5.92 -20.47 -26.71
CA ILE B 2 -6.28 -19.15 -26.19
C ILE B 2 -5.71 -19.04 -24.78
N GLN B 3 -4.66 -18.23 -24.62
CA GLN B 3 -4.01 -18.05 -23.32
C GLN B 3 -4.66 -16.89 -22.57
N ARG B 4 -4.96 -17.10 -21.29
CA ARG B 4 -5.58 -16.09 -20.44
C ARG B 4 -4.65 -15.75 -19.29
N THR B 5 -4.62 -14.41 -18.89
CA THR B 5 -3.72 -13.93 -17.85
C THR B 5 -4.40 -14.03 -16.49
N PRO B 6 -3.69 -14.36 -15.42
CA PRO B 6 -4.36 -14.57 -14.12
C PRO B 6 -4.82 -13.28 -13.48
N LYS B 7 -6.01 -13.33 -12.90
CA LYS B 7 -6.40 -12.34 -11.91
C LYS B 7 -5.69 -12.69 -10.60
N ILE B 8 -5.28 -11.67 -9.86
CA ILE B 8 -4.48 -11.86 -8.66
C ILE B 8 -5.15 -11.12 -7.51
N GLN B 9 -5.40 -11.83 -6.42
CA GLN B 9 -5.82 -11.17 -5.20
C GLN B 9 -4.94 -11.67 -4.08
N VAL B 10 -4.37 -10.74 -3.31
CA VAL B 10 -3.62 -11.05 -2.11
C VAL B 10 -4.38 -10.39 -0.97
N TYR B 11 -4.62 -11.17 0.09
CA TYR B 11 -5.55 -10.80 1.14
C TYR B 11 -5.37 -11.82 2.26
N SER B 12 -5.76 -11.44 3.47
CA SER B 12 -5.63 -12.34 4.60
C SER B 12 -6.97 -13.04 4.85
N ARG B 13 -6.89 -14.23 5.45
CA ARG B 13 -8.07 -15.06 5.67
C ARG B 13 -9.05 -14.37 6.61
N HIS B 14 -8.54 -13.73 7.65
CA HIS B 14 -9.34 -12.96 8.57
C HIS B 14 -8.87 -11.51 8.50
N PRO B 15 -9.72 -10.55 8.85
CA PRO B 15 -9.27 -9.15 8.87
C PRO B 15 -8.03 -8.99 9.74
N ALA B 16 -7.05 -8.25 9.22
CA ALA B 16 -5.74 -8.24 9.84
C ALA B 16 -5.76 -7.55 11.20
N GLU B 17 -5.05 -8.16 12.16
CA GLU B 17 -4.95 -7.64 13.52
C GLU B 17 -3.48 -7.77 13.95
N ASN B 18 -2.78 -6.64 14.06
CA ASN B 18 -1.35 -6.65 14.40
C ASN B 18 -1.08 -7.44 15.67
N GLY B 19 -0.21 -8.44 15.57
CA GLY B 19 0.11 -9.31 16.67
C GLY B 19 -0.70 -10.58 16.74
N LYS B 20 -1.84 -10.66 16.06
CA LYS B 20 -2.64 -11.88 16.04
C LYS B 20 -2.27 -12.76 14.85
N SER B 21 -2.17 -14.06 15.10
CA SER B 21 -1.87 -15.00 14.04
C SER B 21 -2.99 -15.04 13.00
N ASN B 22 -2.61 -15.18 11.74
CA ASN B 22 -3.55 -15.13 10.62
C ASN B 22 -3.01 -16.05 9.52
N PHE B 23 -3.58 -15.90 8.33
CA PHE B 23 -3.14 -16.60 7.13
C PHE B 23 -3.09 -15.59 6.01
N LEU B 24 -2.01 -15.62 5.25
CA LEU B 24 -1.85 -14.76 4.08
C LEU B 24 -2.15 -15.58 2.83
N ASN B 25 -2.98 -15.04 1.96
CA ASN B 25 -3.53 -15.77 0.83
C ASN B 25 -3.15 -15.05 -0.46
N CYS B 26 -2.74 -15.83 -1.47
CA CYS B 26 -2.65 -15.29 -2.82
C CYS B 26 -3.54 -16.14 -3.73
N TYR B 27 -4.67 -15.56 -4.11
CA TYR B 27 -5.66 -16.23 -4.95
C TYR B 27 -5.41 -15.84 -6.41
N VAL B 28 -4.95 -16.79 -7.22
CA VAL B 28 -4.78 -16.60 -8.65
C VAL B 28 -5.86 -17.37 -9.39
N SER B 29 -6.57 -16.69 -10.28
CA SER B 29 -7.65 -17.33 -11.01
C SER B 29 -7.69 -16.80 -12.44
N GLY B 30 -8.38 -17.55 -13.31
CA GLY B 30 -8.71 -17.06 -14.62
C GLY B 30 -7.67 -17.32 -15.68
N PHE B 31 -6.61 -18.07 -15.40
CA PHE B 31 -5.44 -18.17 -16.26
C PHE B 31 -5.39 -19.47 -17.07
N HIS B 32 -4.67 -19.41 -18.18
CA HIS B 32 -4.41 -20.54 -19.06
C HIS B 32 -3.17 -20.25 -19.89
N PRO B 33 -2.25 -21.22 -19.98
CA PRO B 33 -2.43 -22.53 -19.34
C PRO B 33 -2.02 -22.57 -17.86
N SER B 34 -1.85 -23.79 -17.35
CA SER B 34 -1.87 -23.98 -15.92
C SER B 34 -0.54 -23.72 -15.25
N ASP B 35 0.59 -23.87 -15.95
CA ASP B 35 1.89 -23.64 -15.33
C ASP B 35 1.99 -22.22 -14.81
N ILE B 36 2.31 -22.08 -13.53
CA ILE B 36 2.38 -20.76 -12.92
C ILE B 36 3.39 -20.77 -11.79
N GLU B 37 4.14 -19.68 -11.68
CA GLU B 37 5.01 -19.44 -10.53
C GLU B 37 4.30 -18.46 -9.63
N VAL B 38 4.11 -18.82 -8.37
CA VAL B 38 3.45 -17.95 -7.40
C VAL B 38 4.26 -17.97 -6.11
N ASP B 39 4.68 -16.78 -5.66
CA ASP B 39 5.43 -16.66 -4.40
C ASP B 39 4.79 -15.60 -3.53
N LEU B 40 4.74 -15.87 -2.24
CA LEU B 40 4.41 -14.86 -1.25
C LEU B 40 5.71 -14.25 -0.76
N LEU B 41 5.75 -12.92 -0.69
CA LEU B 41 6.94 -12.18 -0.31
C LEU B 41 6.71 -11.49 1.03
N LYS B 42 7.76 -11.46 1.86
CA LYS B 42 7.75 -10.71 3.12
C LYS B 42 8.86 -9.66 3.04
N ASN B 43 8.44 -8.39 2.93
CA ASN B 43 9.34 -7.27 2.71
C ASN B 43 10.32 -7.58 1.57
N GLY B 44 9.78 -8.11 0.47
CA GLY B 44 10.54 -8.37 -0.74
C GLY B 44 11.23 -9.71 -0.85
N GLU B 45 11.24 -10.52 0.21
CA GLU B 45 11.94 -11.81 0.20
C GLU B 45 10.94 -12.95 0.18
N ARG B 46 11.17 -13.92 -0.71
CA ARG B 46 10.22 -15.02 -0.87
C ARG B 46 10.09 -15.81 0.43
N ILE B 47 8.85 -16.10 0.80
CA ILE B 47 8.56 -16.88 1.99
C ILE B 47 8.71 -18.36 1.64
N GLU B 48 9.55 -19.07 2.39
CA GLU B 48 9.56 -20.53 2.32
C GLU B 48 8.29 -21.04 2.98
N LYS B 49 8.00 -22.32 2.76
CA LYS B 49 6.89 -22.97 3.46
C LYS B 49 5.55 -22.34 3.11
N VAL B 50 5.30 -22.20 1.80
CA VAL B 50 4.02 -21.77 1.28
C VAL B 50 3.30 -22.98 0.71
N GLU B 51 2.07 -23.22 1.16
CA GLU B 51 1.29 -24.33 0.64
C GLU B 51 0.40 -23.85 -0.51
N HIS B 52 -0.02 -24.79 -1.35
CA HIS B 52 -0.91 -24.48 -2.47
C HIS B 52 -2.01 -25.53 -2.57
N SER B 53 -3.22 -25.07 -2.92
CA SER B 53 -4.29 -26.00 -3.24
C SER B 53 -4.02 -26.72 -4.57
N ASP B 54 -4.83 -27.74 -4.86
CA ASP B 54 -4.72 -28.52 -6.09
C ASP B 54 -5.39 -27.85 -7.28
N LEU B 55 -4.74 -27.97 -8.44
CA LEU B 55 -5.24 -27.40 -9.68
C LEU B 55 -6.71 -27.74 -9.87
N SER B 56 -7.50 -26.70 -10.10
CA SER B 56 -8.93 -26.84 -10.33
C SER B 56 -9.32 -25.77 -11.36
N PHE B 57 -10.57 -25.82 -11.84
CA PHE B 57 -10.95 -24.87 -12.88
C PHE B 57 -12.45 -24.54 -12.88
N SER B 58 -12.73 -23.31 -13.27
CA SER B 58 -14.05 -22.72 -13.37
C SER B 58 -14.80 -23.23 -14.59
N LYS B 59 -16.06 -22.76 -14.72
CA LYS B 59 -16.94 -23.22 -15.79
C LYS B 59 -16.35 -22.94 -17.17
N ASP B 60 -15.71 -21.77 -17.33
CA ASP B 60 -15.11 -21.40 -18.61
C ASP B 60 -13.77 -22.08 -18.87
N TRP B 61 -13.37 -23.01 -17.99
CA TRP B 61 -12.19 -23.85 -18.09
C TRP B 61 -10.92 -23.14 -17.64
N SER B 62 -10.98 -21.85 -17.32
CA SER B 62 -9.82 -21.17 -16.76
C SER B 62 -9.52 -21.73 -15.38
N PHE B 63 -8.23 -21.76 -15.04
CA PHE B 63 -7.76 -22.36 -13.80
C PHE B 63 -7.80 -21.36 -12.66
N TYR B 64 -7.84 -21.90 -11.44
CA TYR B 64 -7.65 -21.07 -10.25
C TYR B 64 -6.86 -21.84 -9.19
N LEU B 65 -6.07 -21.10 -8.41
CA LEU B 65 -5.21 -21.70 -7.40
C LEU B 65 -5.12 -20.76 -6.21
N LEU B 66 -5.12 -21.32 -4.99
CA LEU B 66 -4.87 -20.56 -3.77
C LEU B 66 -3.53 -20.95 -3.17
N TYR B 67 -2.66 -19.97 -2.99
CA TYR B 67 -1.44 -20.12 -2.20
C TYR B 67 -1.66 -19.42 -0.87
N TYR B 68 -1.11 -19.99 0.20
CA TYR B 68 -1.42 -19.49 1.54
C TYR B 68 -0.29 -19.83 2.51
N THR B 69 -0.17 -19.04 3.57
CA THR B 69 0.79 -19.40 4.61
C THR B 69 0.42 -18.74 5.94
N GLU B 70 0.72 -19.44 7.04
CA GLU B 70 0.71 -18.85 8.38
C GLU B 70 1.57 -17.58 8.44
N PHE B 71 1.01 -16.52 9.02
CA PHE B 71 1.80 -15.36 9.37
C PHE B 71 1.09 -14.62 10.50
N THR B 72 1.84 -13.76 11.17
CA THR B 72 1.29 -12.90 12.22
C THR B 72 1.63 -11.46 11.86
N PRO B 73 0.64 -10.67 11.44
CA PRO B 73 0.95 -9.34 10.91
C PRO B 73 1.56 -8.40 11.94
N THR B 74 2.44 -7.53 11.44
CA THR B 74 2.97 -6.38 12.13
C THR B 74 2.67 -5.16 11.27
N GLU B 75 2.80 -3.96 11.85
CA GLU B 75 2.49 -2.79 11.04
C GLU B 75 3.61 -2.45 10.06
N LYS B 76 4.86 -2.74 10.40
CA LYS B 76 5.98 -2.32 9.55
C LYS B 76 6.33 -3.35 8.47
N ASP B 77 5.85 -4.58 8.59
CA ASP B 77 6.11 -5.61 7.59
C ASP B 77 5.15 -5.48 6.42
N GLU B 78 5.69 -5.39 5.21
CA GLU B 78 4.88 -5.34 4.00
C GLU B 78 4.96 -6.68 3.28
N TYR B 79 3.79 -7.22 2.94
CA TYR B 79 3.67 -8.49 2.28
C TYR B 79 3.26 -8.28 0.83
N ALA B 80 3.64 -9.22 -0.03
CA ALA B 80 3.29 -9.10 -1.43
C ALA B 80 3.21 -10.50 -2.04
N CYS B 81 2.53 -10.59 -3.18
CA CYS B 81 2.41 -11.84 -3.94
C CYS B 81 2.99 -11.62 -5.33
N ARG B 82 3.98 -12.44 -5.69
CA ARG B 82 4.61 -12.37 -7.01
C ARG B 82 4.17 -13.56 -7.87
N VAL B 83 3.76 -13.25 -9.11
CA VAL B 83 3.16 -14.23 -10.02
C VAL B 83 3.78 -14.05 -11.41
N ASN B 84 4.37 -15.14 -11.93
CA ASN B 84 4.87 -15.19 -13.29
C ASN B 84 4.09 -16.23 -14.07
N HIS B 85 3.66 -15.86 -15.28
CA HIS B 85 2.83 -16.69 -16.13
C HIS B 85 3.25 -16.45 -17.58
N VAL B 86 2.89 -17.38 -18.46
CA VAL B 86 3.26 -17.26 -19.87
C VAL B 86 2.76 -15.93 -20.43
N THR B 87 1.55 -15.53 -20.03
CA THR B 87 0.95 -14.31 -20.54
C THR B 87 1.71 -13.05 -20.13
N LEU B 88 2.69 -13.16 -19.23
CA LEU B 88 3.29 -12.00 -18.57
C LEU B 88 4.71 -11.75 -19.08
N SER B 89 4.96 -10.51 -19.55
CA SER B 89 6.28 -10.15 -20.01
C SER B 89 7.28 -10.09 -18.87
N GLN B 90 6.79 -9.81 -17.67
CA GLN B 90 7.60 -9.73 -16.46
C GLN B 90 6.72 -10.14 -15.30
N PRO B 91 7.29 -10.66 -14.21
CA PRO B 91 6.45 -11.07 -13.08
C PRO B 91 5.66 -9.90 -12.54
N LYS B 92 4.34 -10.10 -12.40
CA LYS B 92 3.52 -9.10 -11.73
C LYS B 92 3.61 -9.28 -10.22
N ILE B 93 3.68 -8.16 -9.51
CA ILE B 93 3.70 -8.15 -8.05
C ILE B 93 2.53 -7.31 -7.58
N VAL B 94 1.70 -7.90 -6.74
CA VAL B 94 0.61 -7.19 -6.09
C VAL B 94 0.94 -7.14 -4.62
N LYS B 95 1.04 -5.93 -4.09
CA LYS B 95 1.31 -5.78 -2.67
C LYS B 95 0.02 -5.99 -1.89
N TRP B 96 0.16 -6.38 -0.64
CA TRP B 96 -0.98 -6.66 0.21
C TRP B 96 -1.44 -5.37 0.88
N ASP B 97 -2.59 -4.85 0.43
CA ASP B 97 -3.28 -3.79 1.13
C ASP B 97 -4.28 -4.44 2.06
N ARG B 98 -4.14 -4.19 3.38
CA ARG B 98 -5.10 -4.77 4.31
C ARG B 98 -6.48 -4.14 4.16
N ASP B 99 -6.59 -3.02 3.44
CA ASP B 99 -7.89 -2.42 3.14
C ASP B 99 -8.70 -3.27 2.16
N MET B 100 -8.07 -4.20 1.47
CA MET B 100 -8.71 -4.96 0.38
C MET B 100 -8.62 -6.49 0.57
N ARG C 1 -18.90 -40.72 -5.56
CA ARG C 1 -17.89 -41.53 -6.19
C ARG C 1 -17.93 -41.38 -7.72
N ARG C 2 -16.88 -41.87 -8.37
CA ARG C 2 -16.61 -41.59 -9.77
C ARG C 2 -17.27 -42.64 -10.66
N LYS C 3 -17.54 -42.25 -11.91
CA LYS C 3 -18.08 -43.21 -12.88
C LYS C 3 -17.00 -44.20 -13.31
N TRP C 4 -17.37 -45.48 -13.36
CA TRP C 4 -16.41 -46.56 -13.56
C TRP C 4 -15.72 -46.46 -14.92
N ARG C 5 -16.48 -46.08 -15.94
CA ARG C 5 -16.06 -46.22 -17.33
C ARG C 5 -15.85 -44.86 -17.98
N ARG C 6 -14.74 -44.75 -18.70
CA ARG C 6 -14.48 -43.62 -19.59
C ARG C 6 -14.23 -44.16 -21.00
N TRP C 7 -14.13 -43.26 -21.98
CA TRP C 7 -14.00 -43.66 -23.37
C TRP C 7 -12.94 -42.81 -24.04
N HIS C 8 -12.13 -43.48 -24.87
CA HIS C 8 -11.06 -42.79 -25.59
C HIS C 8 -11.64 -41.74 -26.53
N LEU C 9 -11.02 -40.56 -26.53
CA LEU C 9 -11.29 -39.59 -27.58
C LEU C 9 -10.84 -40.16 -28.92
N GLY D 1 25.97 32.10 22.81
CA GLY D 1 26.44 30.82 22.30
C GLY D 1 26.84 30.90 20.84
N SER D 2 26.51 29.89 20.04
CA SER D 2 26.66 29.98 18.60
C SER D 2 25.28 30.05 17.95
N HIS D 3 25.13 31.01 17.04
CA HIS D 3 23.87 31.33 16.38
C HIS D 3 24.07 31.30 14.88
N SER D 4 22.95 31.34 14.16
CA SER D 4 22.96 31.23 12.71
C SER D 4 21.89 32.14 12.13
N MET D 5 22.04 32.45 10.85
CA MET D 5 21.02 33.14 10.08
C MET D 5 21.07 32.56 8.67
N ARG D 6 19.89 32.31 8.11
CA ARG D 6 19.72 31.65 6.84
C ARG D 6 18.57 32.31 6.09
N TYR D 7 18.70 32.39 4.77
CA TYR D 7 17.60 32.74 3.88
C TYR D 7 17.38 31.59 2.90
N PHE D 8 16.15 31.08 2.86
CA PHE D 8 15.81 29.90 2.06
C PHE D 8 14.92 30.32 0.90
N HIS D 9 15.25 29.87 -0.30
CA HIS D 9 14.47 30.24 -1.46
C HIS D 9 14.13 29.00 -2.26
N THR D 10 12.88 28.91 -2.68
CA THR D 10 12.44 27.87 -3.58
C THR D 10 11.65 28.53 -4.69
N SER D 11 12.01 28.20 -5.92
CA SER D 11 11.28 28.61 -7.11
C SER D 11 10.87 27.32 -7.80
N VAL D 12 9.60 27.24 -8.18
CA VAL D 12 8.99 26.03 -8.72
C VAL D 12 8.29 26.43 -10.01
N SER D 13 8.83 26.02 -11.15
CA SER D 13 8.16 26.36 -12.40
C SER D 13 6.87 25.56 -12.51
N ARG D 14 5.91 26.12 -13.21
CA ARG D 14 4.63 25.45 -13.44
C ARG D 14 4.15 25.88 -14.82
N PRO D 15 4.73 25.31 -15.86
CA PRO D 15 4.43 25.77 -17.23
C PRO D 15 2.96 25.63 -17.54
N GLY D 16 2.37 26.70 -18.07
CA GLY D 16 0.94 26.76 -18.32
C GLY D 16 0.12 27.24 -17.13
N ARG D 17 0.77 27.57 -16.02
CA ARG D 17 0.10 28.12 -14.86
C ARG D 17 0.83 29.36 -14.38
N GLY D 18 1.25 30.19 -15.32
CA GLY D 18 1.84 31.46 -14.98
C GLY D 18 3.30 31.35 -14.57
N GLU D 19 3.73 32.36 -13.80
CA GLU D 19 5.10 32.47 -13.33
C GLU D 19 5.40 31.44 -12.25
N PRO D 20 6.67 31.12 -12.05
CA PRO D 20 6.99 30.12 -11.04
C PRO D 20 6.59 30.61 -9.65
N ARG D 21 6.24 29.66 -8.80
CA ARG D 21 5.96 29.98 -7.41
C ARG D 21 7.28 30.26 -6.68
N PHE D 22 7.39 31.44 -6.07
CA PHE D 22 8.57 31.81 -5.31
C PHE D 22 8.20 31.94 -3.85
N ILE D 23 8.86 31.15 -3.01
CA ILE D 23 8.68 31.24 -1.56
C ILE D 23 10.05 31.40 -0.93
N THR D 24 10.16 32.35 0.01
CA THR D 24 11.38 32.54 0.75
C THR D 24 11.04 32.83 2.20
N VAL D 25 11.80 32.21 3.10
CA VAL D 25 11.67 32.42 4.53
C VAL D 25 13.04 32.74 5.09
N GLY D 26 13.07 33.48 6.18
CA GLY D 26 14.30 33.82 6.86
C GLY D 26 14.24 33.31 8.30
N TYR D 27 15.39 32.81 8.78
CA TYR D 27 15.48 32.21 10.09
C TYR D 27 16.66 32.78 10.83
N VAL D 28 16.51 32.94 12.13
CA VAL D 28 17.62 33.07 13.06
C VAL D 28 17.57 31.83 13.91
N ASP D 29 18.57 30.96 13.79
CA ASP D 29 18.61 29.67 14.48
C ASP D 29 17.39 28.87 14.04
N ASP D 30 16.50 28.46 14.94
CA ASP D 30 15.32 27.69 14.55
C ASP D 30 14.04 28.52 14.67
N THR D 31 14.16 29.84 14.59
CA THR D 31 13.06 30.78 14.67
C THR D 31 12.82 31.45 13.32
N LEU D 32 11.65 31.19 12.75
CA LEU D 32 11.23 31.87 11.52
C LEU D 32 10.90 33.32 11.81
N PHE D 33 11.41 34.26 10.99
CA PHE D 33 11.11 35.67 11.26
C PHE D 33 10.63 36.46 10.04
N VAL D 34 10.99 36.07 8.82
CA VAL D 34 10.44 36.73 7.63
C VAL D 34 9.93 35.68 6.66
N ARG D 35 8.98 36.10 5.81
CA ARG D 35 8.45 35.24 4.75
C ARG D 35 7.98 36.10 3.57
N PHE D 36 8.06 35.53 2.38
CA PHE D 36 7.55 36.15 1.17
C PHE D 36 7.04 35.05 0.25
N ASP D 37 5.75 35.08 -0.04
CA ASP D 37 5.10 34.10 -0.92
C ASP D 37 4.60 34.88 -2.13
N SER D 38 5.19 34.62 -3.30
CA SER D 38 4.81 35.37 -4.49
C SER D 38 3.36 35.14 -4.90
N ASP D 39 2.77 34.01 -4.50
CA ASP D 39 1.35 33.73 -4.74
C ASP D 39 0.41 34.48 -3.80
N ALA D 40 0.93 35.29 -2.89
CA ALA D 40 0.04 36.18 -2.16
C ALA D 40 -0.56 37.21 -3.11
N ALA D 41 -1.63 37.85 -2.66
CA ALA D 41 -2.38 38.79 -3.48
C ALA D 41 -1.49 39.92 -3.97
N SER D 42 -1.05 40.76 -3.05
CA SER D 42 -0.14 41.89 -3.33
C SER D 42 1.08 41.66 -2.45
N PRO D 43 2.06 40.88 -2.93
CA PRO D 43 3.05 40.26 -2.03
C PRO D 43 4.06 41.25 -1.48
N ARG D 44 4.28 41.17 -0.16
CA ARG D 44 5.30 41.89 0.58
C ARG D 44 6.01 40.90 1.47
N GLU D 45 7.22 41.23 1.90
CA GLU D 45 7.80 40.42 2.96
C GLU D 45 7.12 40.82 4.25
N GLU D 46 6.67 39.83 5.00
CA GLU D 46 5.95 40.02 6.25
C GLU D 46 6.77 39.52 7.43
N PRO D 47 6.55 40.06 8.62
CA PRO D 47 7.26 39.57 9.79
C PRO D 47 6.66 38.26 10.29
N ARG D 48 7.50 37.49 10.98
CA ARG D 48 7.05 36.23 11.57
C ARG D 48 7.60 36.03 12.97
N ALA D 49 8.16 37.08 13.59
CA ALA D 49 8.65 37.03 14.95
C ALA D 49 8.54 38.45 15.47
N PRO D 50 8.23 38.64 16.75
CA PRO D 50 7.89 39.99 17.24
C PRO D 50 9.02 40.98 17.15
N TRP D 51 10.26 40.51 17.34
CA TRP D 51 11.41 41.39 17.45
C TRP D 51 11.85 41.96 16.11
N ILE D 52 11.27 41.51 15.01
CA ILE D 52 11.55 42.15 13.73
C ILE D 52 10.44 43.13 13.34
N GLU D 53 9.27 43.04 13.98
CA GLU D 53 8.20 44.00 13.65
C GLU D 53 8.63 45.43 13.94
N GLN D 54 9.55 45.64 14.87
CA GLN D 54 9.98 46.99 15.17
C GLN D 54 10.66 47.66 13.98
N GLU D 55 11.29 46.89 13.08
CA GLU D 55 11.99 47.51 11.95
C GLU D 55 11.03 48.37 11.13
N GLY D 56 11.53 49.50 10.65
CA GLY D 56 10.71 50.48 9.98
C GLY D 56 10.37 50.10 8.57
N PRO D 57 9.64 51.00 7.90
CA PRO D 57 9.15 50.69 6.54
C PRO D 57 10.24 50.60 5.50
N GLU D 58 11.30 51.39 5.60
CA GLU D 58 12.39 51.26 4.65
C GLU D 58 13.05 49.88 4.76
N TYR D 59 13.15 49.32 5.97
CA TYR D 59 13.60 47.95 6.09
C TYR D 59 12.74 47.03 5.23
N TRP D 60 11.43 47.10 5.42
CA TRP D 60 10.53 46.18 4.77
C TRP D 60 10.39 46.48 3.29
N ASP D 61 10.60 47.73 2.88
CA ASP D 61 10.58 48.06 1.47
C ASP D 61 11.81 47.50 0.75
N ARG D 62 12.97 47.56 1.39
CA ARG D 62 14.16 47.00 0.77
C ARG D 62 14.06 45.48 0.69
N GLU D 63 13.48 44.84 1.71
CA GLU D 63 13.34 43.40 1.69
C GLU D 63 12.40 42.94 0.58
N THR D 64 11.29 43.67 0.40
CA THR D 64 10.32 43.29 -0.62
C THR D 64 10.90 43.49 -2.00
N GLN D 65 11.68 44.56 -2.17
CA GLN D 65 12.39 44.79 -3.42
C GLN D 65 13.30 43.61 -3.73
N ILE D 66 14.04 43.14 -2.73
CA ILE D 66 14.97 42.03 -2.92
C ILE D 66 14.22 40.75 -3.25
N CYS D 67 13.16 40.46 -2.50
CA CYS D 67 12.42 39.23 -2.76
C CYS D 67 11.88 39.23 -4.18
N LYS D 68 11.45 40.40 -4.65
CA LYS D 68 10.88 40.54 -5.98
C LYS D 68 11.94 40.33 -7.04
N ALA D 69 13.10 41.00 -6.90
CA ALA D 69 14.18 40.80 -7.86
C ALA D 69 14.63 39.35 -7.87
N LYS D 70 14.66 38.72 -6.69
CA LYS D 70 15.03 37.32 -6.60
C LYS D 70 14.03 36.41 -7.29
N ALA D 71 12.72 36.66 -7.10
CA ALA D 71 11.72 35.84 -7.80
C ALA D 71 11.88 35.96 -9.31
N GLN D 72 12.23 37.16 -9.78
CA GLN D 72 12.49 37.35 -11.20
C GLN D 72 13.79 36.66 -11.64
N THR D 73 14.88 36.83 -10.88
CA THR D 73 16.14 36.21 -11.30
C THR D 73 16.04 34.70 -11.34
N ASP D 74 15.33 34.10 -10.37
CA ASP D 74 15.09 32.67 -10.41
C ASP D 74 14.21 32.28 -11.58
N ARG D 75 13.42 33.21 -12.10
CA ARG D 75 12.58 32.88 -13.24
C ARG D 75 13.43 32.74 -14.50
N GLU D 76 14.31 33.71 -14.75
CA GLU D 76 15.23 33.60 -15.87
C GLU D 76 16.16 32.40 -15.69
N ASP D 77 16.67 32.18 -14.47
CA ASP D 77 17.58 31.05 -14.24
C ASP D 77 16.86 29.72 -14.48
N LEU D 78 15.59 29.62 -14.10
CA LEU D 78 14.82 28.40 -14.40
C LEU D 78 14.81 28.14 -15.89
N ARG D 79 14.70 29.19 -16.71
CA ARG D 79 14.75 28.98 -18.16
C ARG D 79 16.18 28.65 -18.59
N THR D 80 17.17 29.31 -18.01
CA THR D 80 18.56 28.96 -18.31
C THR D 80 18.86 27.50 -17.99
N LEU D 81 18.35 26.99 -16.87
CA LEU D 81 18.66 25.61 -16.50
C LEU D 81 18.09 24.63 -17.52
N LEU D 82 16.97 25.00 -18.16
CA LEU D 82 16.41 24.13 -19.20
C LEU D 82 17.37 23.97 -20.38
N ARG D 83 18.03 25.06 -20.78
CA ARG D 83 19.08 24.96 -21.81
C ARG D 83 20.25 24.11 -21.34
N TYR D 84 20.73 24.31 -20.10
CA TYR D 84 21.96 23.64 -19.69
C TYR D 84 21.83 22.13 -19.62
N TYR D 85 20.62 21.61 -19.44
CA TYR D 85 20.37 20.19 -19.28
C TYR D 85 19.56 19.60 -20.42
N ASN D 86 19.32 20.37 -21.47
CA ASN D 86 18.49 19.92 -22.60
C ASN D 86 17.18 19.32 -22.09
N GLN D 87 16.38 20.17 -21.44
CA GLN D 87 15.09 19.74 -20.93
C GLN D 87 13.95 20.47 -21.64
N SER D 88 12.77 19.89 -21.49
CA SER D 88 11.55 20.38 -22.11
C SER D 88 10.96 21.55 -21.34
N GLU D 89 10.16 22.35 -22.05
CA GLU D 89 9.37 23.40 -21.43
C GLU D 89 8.14 22.85 -20.72
N ALA D 90 7.83 21.57 -20.91
CA ALA D 90 6.61 21.00 -20.36
C ALA D 90 6.67 20.83 -18.85
N GLY D 91 7.82 20.41 -18.32
CA GLY D 91 7.85 19.94 -16.96
C GLY D 91 8.02 21.05 -15.94
N SER D 92 7.70 20.71 -14.70
CA SER D 92 7.94 21.57 -13.56
C SER D 92 9.34 21.30 -13.01
N HIS D 93 10.10 22.35 -12.75
CA HIS D 93 11.41 22.16 -12.13
C HIS D 93 11.56 23.08 -10.93
N THR D 94 12.54 22.77 -10.08
CA THR D 94 12.72 23.45 -8.79
C THR D 94 14.16 23.98 -8.66
N LEU D 95 14.26 25.28 -8.44
CA LEU D 95 15.48 25.98 -8.08
C LEU D 95 15.45 26.33 -6.60
N GLN D 96 16.38 25.78 -5.83
CA GLN D 96 16.55 26.16 -4.42
C GLN D 96 17.85 26.89 -4.19
N ASN D 97 17.86 27.68 -3.12
CA ASN D 97 19.02 28.47 -2.74
C ASN D 97 18.95 28.80 -1.27
N MET D 98 20.03 28.55 -0.56
CA MET D 98 20.19 28.99 0.83
C MET D 98 21.46 29.81 0.93
N TYR D 99 21.41 30.89 1.69
CA TYR D 99 22.61 31.60 2.08
C TYR D 99 22.41 32.12 3.48
N GLY D 100 23.53 32.38 4.16
CA GLY D 100 23.49 32.83 5.54
C GLY D 100 24.85 32.68 6.21
N CYS D 101 24.87 32.96 7.51
CA CYS D 101 26.12 32.96 8.27
C CYS D 101 25.97 32.34 9.66
N ASP D 102 27.11 31.87 10.18
CA ASP D 102 27.25 31.36 11.55
C ASP D 102 28.19 32.25 12.35
N VAL D 103 27.82 32.50 13.61
CA VAL D 103 28.64 33.28 14.55
C VAL D 103 28.77 32.54 15.87
N GLY D 104 29.87 32.81 16.58
CA GLY D 104 30.14 32.26 17.89
C GLY D 104 29.72 33.21 19.00
N PRO D 105 30.09 32.89 20.24
CA PRO D 105 29.70 33.77 21.36
C PRO D 105 30.23 35.19 21.26
N ASP D 106 31.40 35.40 20.66
CA ASP D 106 31.91 36.76 20.52
C ASP D 106 31.19 37.55 19.45
N GLY D 107 30.42 36.87 18.60
CA GLY D 107 29.77 37.48 17.46
C GLY D 107 30.57 37.51 16.17
N ARG D 108 31.70 36.79 16.10
CA ARG D 108 32.49 36.75 14.88
C ARG D 108 31.94 35.69 13.94
N LEU D 109 32.13 35.92 12.65
CA LEU D 109 31.77 34.91 11.64
C LEU D 109 32.54 33.62 11.87
N LEU D 110 31.81 32.53 12.08
CA LEU D 110 32.42 31.20 12.06
C LEU D 110 32.33 30.52 10.72
N ARG D 111 31.32 30.83 9.91
CA ARG D 111 31.14 30.14 8.64
C ARG D 111 30.06 30.84 7.84
N GLY D 112 30.25 30.91 6.54
CA GLY D 112 29.27 31.48 5.63
C GLY D 112 28.84 30.44 4.61
N TYR D 113 27.61 30.60 4.11
CA TYR D 113 27.04 29.66 3.15
C TYR D 113 26.41 30.40 1.99
N HIS D 114 26.39 29.71 0.84
CA HIS D 114 25.68 30.16 -0.35
C HIS D 114 25.66 29.04 -1.40
N GLN D 115 24.65 28.18 -1.35
CA GLN D 115 24.63 27.00 -2.21
C GLN D 115 23.28 26.88 -2.90
N HIS D 116 23.29 26.25 -4.08
CA HIS D 116 22.11 26.11 -4.94
C HIS D 116 21.86 24.64 -5.25
N ALA D 117 20.58 24.33 -5.48
CA ALA D 117 20.14 23.00 -5.92
C ALA D 117 19.03 23.12 -6.98
N TYR D 118 19.04 22.20 -7.94
CA TYR D 118 18.07 22.14 -9.04
C TYR D 118 17.48 20.74 -9.08
N ASP D 119 16.16 20.65 -9.02
CA ASP D 119 15.46 19.36 -9.02
C ASP D 119 15.98 18.45 -7.91
N GLY D 120 16.26 19.04 -6.74
CA GLY D 120 16.67 18.35 -5.53
C GLY D 120 18.14 17.99 -5.39
N LYS D 121 18.98 18.32 -6.36
CA LYS D 121 20.38 17.92 -6.38
C LYS D 121 21.30 19.13 -6.29
N ASP D 122 22.41 18.96 -5.56
CA ASP D 122 23.47 19.96 -5.46
C ASP D 122 23.82 20.47 -6.85
N TYR D 123 23.94 21.79 -7.00
CA TYR D 123 24.28 22.41 -8.26
C TYR D 123 25.58 23.21 -8.19
N ILE D 124 25.53 24.39 -7.59
CA ILE D 124 26.71 25.20 -7.30
C ILE D 124 26.69 25.58 -5.82
N ALA D 125 27.89 25.56 -5.21
CA ALA D 125 28.02 25.89 -3.79
C ALA D 125 29.29 26.71 -3.55
N LEU D 126 29.17 27.75 -2.73
CA LEU D 126 30.33 28.49 -2.26
C LEU D 126 31.04 27.67 -1.19
N ASN D 127 32.36 27.49 -1.35
CA ASN D 127 33.10 26.68 -0.39
C ASN D 127 33.35 27.48 0.90
N GLU D 128 33.73 26.77 1.96
CA GLU D 128 33.95 27.46 3.24
C GLU D 128 34.96 28.61 3.12
N ASP D 129 35.83 28.61 2.11
CA ASP D 129 36.75 29.74 1.95
C ASP D 129 36.06 31.02 1.48
N LEU D 130 34.77 30.95 1.11
CA LEU D 130 34.04 32.10 0.59
C LEU D 130 34.79 32.75 -0.56
N SER D 131 35.52 31.95 -1.35
CA SER D 131 36.27 32.50 -2.48
C SER D 131 36.41 31.49 -3.62
N SER D 132 36.05 30.23 -3.38
CA SER D 132 36.13 29.20 -4.39
C SER D 132 34.83 28.40 -4.46
N TRP D 133 34.57 27.77 -5.62
CA TRP D 133 33.30 27.11 -5.88
C TRP D 133 33.43 25.59 -6.00
N THR D 134 32.32 24.93 -5.69
CA THR D 134 32.13 23.51 -5.98
C THR D 134 30.93 23.34 -6.93
N ALA D 135 31.23 22.98 -8.18
CA ALA D 135 30.21 22.72 -9.20
C ALA D 135 29.89 21.23 -9.22
N ALA D 136 28.59 20.90 -9.14
CA ALA D 136 28.18 19.51 -9.08
C ALA D 136 28.28 18.78 -10.43
N ASP D 137 28.39 19.50 -11.54
CA ASP D 137 28.40 18.86 -12.86
C ASP D 137 28.79 19.89 -13.90
N THR D 138 28.72 19.46 -15.16
CA THR D 138 29.19 20.28 -16.27
C THR D 138 28.28 21.45 -16.58
N ALA D 139 27.00 21.40 -16.19
CA ALA D 139 26.16 22.60 -16.27
C ALA D 139 26.58 23.63 -15.23
N ALA D 140 26.64 23.23 -13.96
CA ALA D 140 27.08 24.18 -12.94
C ALA D 140 28.50 24.68 -13.17
N GLN D 141 29.32 23.94 -13.93
CA GLN D 141 30.61 24.52 -14.32
C GLN D 141 30.44 25.73 -15.23
N ILE D 142 29.40 25.76 -16.08
CA ILE D 142 29.10 26.96 -16.86
C ILE D 142 28.78 28.11 -15.91
N THR D 143 28.14 27.83 -14.78
CA THR D 143 27.88 28.88 -13.79
C THR D 143 29.14 29.28 -13.04
N GLN D 144 29.85 28.29 -12.47
CA GLN D 144 31.12 28.57 -11.79
C GLN D 144 32.06 29.42 -12.66
N ARG D 145 32.09 29.14 -13.97
CA ARG D 145 32.82 29.96 -14.91
C ARG D 145 32.28 31.39 -14.93
N LYS D 146 30.98 31.55 -15.15
CA LYS D 146 30.40 32.89 -15.22
C LYS D 146 30.59 33.63 -13.90
N TRP D 147 30.59 32.91 -12.78
CA TRP D 147 30.75 33.60 -11.49
C TRP D 147 32.20 33.88 -11.15
N GLU D 148 33.16 33.12 -11.69
CA GLU D 148 34.54 33.51 -11.46
C GLU D 148 34.87 34.78 -12.22
N ALA D 149 34.30 34.93 -13.42
CA ALA D 149 34.59 36.09 -14.25
C ALA D 149 33.99 37.36 -13.70
N ALA D 150 33.04 37.25 -12.79
CA ALA D 150 32.45 38.41 -12.16
C ALA D 150 32.95 38.62 -10.74
N ARG D 151 33.80 37.73 -10.23
CA ARG D 151 34.22 37.77 -8.84
C ARG D 151 32.99 37.77 -7.94
N VAL D 152 32.09 36.84 -8.23
CA VAL D 152 30.87 36.70 -7.44
C VAL D 152 31.20 36.29 -6.03
N ALA D 153 32.12 35.33 -5.88
CA ALA D 153 32.57 34.90 -4.56
C ALA D 153 33.04 36.07 -3.72
N GLU D 154 33.90 36.91 -4.30
CA GLU D 154 34.43 38.08 -3.59
C GLU D 154 33.31 38.91 -3.00
N GLN D 155 32.21 39.08 -3.74
CA GLN D 155 31.12 39.96 -3.29
C GLN D 155 30.24 39.28 -2.25
N LEU D 156 29.98 37.97 -2.43
CA LEU D 156 29.34 37.18 -1.40
C LEU D 156 30.11 37.26 -0.08
N ARG D 157 31.42 37.08 -0.15
CA ARG D 157 32.27 37.14 1.02
C ARG D 157 32.12 38.48 1.74
N ALA D 158 32.04 39.57 0.99
CA ALA D 158 31.83 40.87 1.62
C ALA D 158 30.50 40.90 2.38
N TYR D 159 29.44 40.34 1.78
CA TYR D 159 28.15 40.28 2.47
C TYR D 159 28.21 39.40 3.71
N LEU D 160 28.67 38.15 3.55
CA LEU D 160 28.61 37.21 4.66
C LEU D 160 29.47 37.65 5.84
N GLU D 161 30.57 38.34 5.59
CA GLU D 161 31.42 38.78 6.67
C GLU D 161 30.94 40.07 7.29
N GLY D 162 30.34 40.95 6.49
CA GLY D 162 29.92 42.27 6.91
C GLY D 162 28.44 42.25 7.27
N GLU D 163 27.58 42.49 6.28
CA GLU D 163 26.16 42.71 6.58
C GLU D 163 25.55 41.50 7.26
N CYS D 164 25.80 40.30 6.70
CA CYS D 164 25.24 39.10 7.28
C CYS D 164 25.47 39.02 8.79
N VAL D 165 26.73 39.17 9.20
CA VAL D 165 27.06 39.02 10.62
C VAL D 165 26.47 40.16 11.45
N GLU D 166 26.51 41.37 10.92
CA GLU D 166 26.15 42.50 11.77
C GLU D 166 24.64 42.59 11.97
N TRP D 167 23.83 42.10 11.03
CA TRP D 167 22.38 42.10 11.27
C TRP D 167 21.97 40.92 12.12
N LEU D 168 22.64 39.77 11.94
CA LEU D 168 22.42 38.67 12.86
C LEU D 168 22.71 39.09 14.29
N ARG D 169 23.80 39.83 14.51
CA ARG D 169 24.07 40.29 15.85
C ARG D 169 22.98 41.25 16.33
N ARG D 170 22.47 42.06 15.41
CA ARG D 170 21.37 42.96 15.76
C ARG D 170 20.11 42.18 16.13
N TYR D 171 19.72 41.20 15.31
CA TYR D 171 18.50 40.47 15.61
C TYR D 171 18.60 39.75 16.94
N LEU D 172 19.79 39.25 17.28
CA LEU D 172 20.02 38.58 18.55
C LEU D 172 19.88 39.51 19.74
N GLU D 173 20.05 40.81 19.53
CA GLU D 173 19.87 41.81 20.58
C GLU D 173 18.40 42.26 20.67
N ASN D 174 17.78 42.58 19.53
CA ASN D 174 16.37 42.97 19.52
C ASN D 174 15.46 41.84 20.03
N GLY D 175 15.80 40.59 19.72
CA GLY D 175 14.98 39.47 20.15
C GLY D 175 15.61 38.59 21.21
N LYS D 176 16.50 39.17 22.04
CA LYS D 176 17.18 38.38 23.06
C LYS D 176 16.21 37.72 24.03
N GLU D 177 15.04 38.36 24.27
CA GLU D 177 14.01 37.76 25.10
C GLU D 177 13.75 36.31 24.73
N THR D 178 13.60 36.03 23.43
CA THR D 178 13.34 34.68 22.91
C THR D 178 14.53 34.04 22.21
N LEU D 179 15.28 34.77 21.39
CA LEU D 179 16.38 34.15 20.65
C LEU D 179 17.48 33.67 21.58
N GLN D 180 17.66 34.35 22.71
CA GLN D 180 18.70 34.02 23.69
C GLN D 180 18.18 33.20 24.85
N ARG D 181 16.89 32.87 24.86
CA ARG D 181 16.35 31.99 25.90
C ARG D 181 16.32 30.58 25.36
N ALA D 182 16.77 29.62 26.17
CA ALA D 182 16.62 28.20 25.88
C ALA D 182 15.48 27.64 26.72
N ASP D 183 14.45 27.11 26.04
CA ASP D 183 13.38 26.43 26.75
C ASP D 183 13.75 24.98 26.99
N PRO D 184 13.87 24.54 28.23
CA PRO D 184 14.22 23.15 28.51
C PRO D 184 13.06 22.23 28.17
N PRO D 185 13.29 20.95 27.95
CA PRO D 185 12.19 20.05 27.64
C PRO D 185 11.37 19.71 28.88
N LYS D 186 10.06 19.59 28.67
CA LYS D 186 9.18 18.94 29.64
C LYS D 186 9.15 17.45 29.30
N THR D 187 9.66 16.62 30.21
CA THR D 187 9.93 15.21 29.94
C THR D 187 9.01 14.30 30.77
N HIS D 188 8.57 13.21 30.16
CA HIS D 188 7.78 12.18 30.82
C HIS D 188 7.96 10.88 30.03
N VAL D 189 7.91 9.76 30.75
CA VAL D 189 8.02 8.44 30.14
C VAL D 189 6.66 7.75 30.21
N THR D 190 6.17 7.29 29.05
CA THR D 190 4.92 6.53 28.94
C THR D 190 5.20 5.05 28.72
N HIS D 191 4.22 4.22 29.07
CA HIS D 191 4.33 2.75 29.00
C HIS D 191 3.10 2.20 28.29
N HIS D 192 3.30 1.48 27.20
CA HIS D 192 2.17 0.88 26.47
C HIS D 192 2.43 -0.60 26.21
N PRO D 193 1.62 -1.49 26.76
CA PRO D 193 1.78 -2.94 26.50
C PRO D 193 1.56 -3.31 25.05
N ILE D 194 2.57 -3.94 24.45
CA ILE D 194 2.44 -4.50 23.11
C ILE D 194 1.97 -5.96 23.16
N SER D 195 2.34 -6.72 24.19
CA SER D 195 1.87 -8.09 24.37
C SER D 195 1.68 -8.33 25.86
N ASP D 196 1.60 -9.60 26.26
CA ASP D 196 1.59 -9.97 27.68
C ASP D 196 3.00 -9.96 28.28
N HIS D 197 4.03 -10.15 27.45
CA HIS D 197 5.42 -10.22 27.88
C HIS D 197 6.23 -8.96 27.58
N GLU D 198 5.79 -8.12 26.65
CA GLU D 198 6.58 -6.97 26.23
C GLU D 198 5.73 -5.71 26.30
N ALA D 199 6.39 -4.58 26.63
CA ALA D 199 5.74 -3.28 26.64
C ALA D 199 6.66 -2.24 26.01
N THR D 200 6.08 -1.12 25.58
CA THR D 200 6.84 -0.05 24.95
C THR D 200 7.00 1.11 25.92
N LEU D 201 8.24 1.56 26.10
CA LEU D 201 8.55 2.73 26.92
C LEU D 201 8.93 3.87 25.99
N ARG D 202 8.14 4.95 26.02
CA ARG D 202 8.33 6.08 25.13
C ARG D 202 8.77 7.29 25.96
N CYS D 203 9.98 7.77 25.71
CA CYS D 203 10.53 8.91 26.41
C CYS D 203 10.20 10.17 25.65
N TRP D 204 9.34 11.01 26.22
CA TRP D 204 8.89 12.23 25.57
C TRP D 204 9.72 13.44 25.98
N ALA D 205 9.90 14.34 25.03
CA ALA D 205 10.48 15.66 25.27
C ALA D 205 9.61 16.67 24.54
N LEU D 206 9.09 17.66 25.26
CA LEU D 206 8.16 18.60 24.66
C LEU D 206 8.58 20.03 24.99
N GLY D 207 8.26 20.94 24.10
CA GLY D 207 8.39 22.37 24.35
C GLY D 207 9.80 22.88 24.57
N PHE D 208 10.76 22.33 23.85
CA PHE D 208 12.14 22.76 24.02
C PHE D 208 12.59 23.63 22.84
N TYR D 209 13.34 24.67 23.15
CA TYR D 209 13.97 25.51 22.15
C TYR D 209 15.43 25.65 22.59
N PRO D 210 16.40 25.56 21.67
CA PRO D 210 16.39 25.31 20.21
C PRO D 210 15.96 23.90 19.86
N ALA D 211 16.30 23.43 18.65
CA ALA D 211 15.89 22.09 18.23
C ALA D 211 16.88 21.01 18.65
N GLU D 212 18.16 21.37 18.81
CA GLU D 212 19.22 20.45 19.24
C GLU D 212 18.81 19.73 20.51
N ILE D 213 18.79 18.40 20.46
CA ILE D 213 18.40 17.59 21.61
C ILE D 213 18.85 16.17 21.32
N THR D 214 19.20 15.41 22.36
CA THR D 214 19.61 14.02 22.21
C THR D 214 18.91 13.19 23.26
N LEU D 215 18.19 12.17 22.82
CA LEU D 215 17.53 11.23 23.70
C LEU D 215 18.20 9.87 23.54
N THR D 216 18.45 9.21 24.66
CA THR D 216 19.12 7.91 24.66
C THR D 216 18.47 7.03 25.69
N TRP D 217 18.18 5.79 25.30
CA TRP D 217 17.62 4.80 26.21
C TRP D 217 18.74 3.91 26.73
N GLN D 218 18.84 3.82 28.05
CA GLN D 218 19.82 2.96 28.71
C GLN D 218 19.12 1.79 29.39
N ARG D 219 19.69 0.60 29.25
CA ARG D 219 19.34 -0.55 30.09
C ARG D 219 20.53 -0.86 30.99
N ASP D 220 20.34 -0.74 32.31
CA ASP D 220 21.42 -0.94 33.27
C ASP D 220 22.64 -0.08 32.94
N GLY D 221 22.39 1.15 32.50
CA GLY D 221 23.45 2.07 32.14
C GLY D 221 24.08 1.85 30.78
N GLU D 222 23.54 0.96 29.96
CA GLU D 222 24.06 0.68 28.63
C GLU D 222 23.21 1.31 27.55
N ASP D 223 23.86 1.96 26.58
CA ASP D 223 23.14 2.56 25.46
C ASP D 223 22.53 1.47 24.60
N GLN D 224 21.27 1.68 24.20
CA GLN D 224 20.55 0.74 23.35
C GLN D 224 20.53 1.21 21.88
N THR D 225 21.68 1.68 21.38
CA THR D 225 21.77 2.33 20.07
C THR D 225 21.10 1.53 18.96
N GLN D 226 21.09 0.20 19.06
CA GLN D 226 20.49 -0.60 18.00
C GLN D 226 18.98 -0.71 18.15
N ASP D 227 18.49 -0.90 19.38
CA ASP D 227 17.07 -1.18 19.59
C ASP D 227 16.27 0.06 19.94
N THR D 228 16.73 1.25 19.56
CA THR D 228 16.04 2.49 19.89
C THR D 228 15.30 3.02 18.67
N GLU D 229 14.00 3.25 18.81
CA GLU D 229 13.23 3.98 17.83
C GLU D 229 13.26 5.46 18.18
N LEU D 230 13.62 6.28 17.19
CA LEU D 230 13.87 7.69 17.42
C LEU D 230 13.22 8.45 16.26
N VAL D 231 12.18 9.25 16.57
CA VAL D 231 11.50 10.03 15.55
C VAL D 231 12.26 11.31 15.28
N GLU D 232 12.14 11.78 14.03
CA GLU D 232 12.67 13.09 13.67
C GLU D 232 12.08 14.17 14.57
N THR D 233 12.90 15.16 14.91
CA THR D 233 12.46 16.27 15.72
C THR D 233 11.42 17.10 14.97
N ARG D 234 10.28 17.38 15.63
CA ARG D 234 9.14 17.98 14.97
C ARG D 234 8.73 19.28 15.65
N PRO D 235 8.12 20.22 14.91
CA PRO D 235 7.68 21.48 15.52
C PRO D 235 6.33 21.37 16.21
N ALA D 236 6.24 21.93 17.43
CA ALA D 236 4.98 21.96 18.15
C ALA D 236 3.99 22.93 17.51
N GLY D 237 4.49 24.00 16.89
CA GLY D 237 3.67 25.04 16.29
C GLY D 237 3.74 26.37 16.98
N ASP D 238 4.26 26.41 18.20
CA ASP D 238 4.43 27.66 18.95
C ASP D 238 5.90 28.02 19.08
N ARG D 239 6.69 27.68 18.07
CA ARG D 239 8.12 27.87 17.97
C ARG D 239 8.90 26.86 18.80
N THR D 240 8.24 26.02 19.59
CA THR D 240 8.97 25.01 20.35
C THR D 240 8.98 23.69 19.58
N PHE D 241 9.64 22.69 20.15
CA PHE D 241 9.84 21.43 19.46
C PHE D 241 9.53 20.27 20.38
N GLN D 242 9.37 19.12 19.76
CA GLN D 242 9.13 17.86 20.45
C GLN D 242 10.02 16.79 19.84
N LYS D 243 10.31 15.76 20.63
CA LYS D 243 10.94 14.55 20.13
C LYS D 243 10.62 13.42 21.10
N TRP D 244 10.64 12.20 20.62
CA TRP D 244 10.57 11.06 21.52
C TRP D 244 11.47 9.94 21.06
N ALA D 245 11.84 9.12 22.03
CA ALA D 245 12.65 7.92 21.83
C ALA D 245 11.88 6.77 22.48
N ALA D 246 11.86 5.61 21.81
CA ALA D 246 11.10 4.49 22.34
C ALA D 246 11.92 3.22 22.20
N VAL D 247 11.71 2.30 23.14
CA VAL D 247 12.35 0.99 23.14
C VAL D 247 11.33 -0.07 23.56
N VAL D 248 11.49 -1.27 22.99
CA VAL D 248 10.62 -2.41 23.27
C VAL D 248 11.27 -3.26 24.36
N VAL D 249 10.60 -3.37 25.51
CA VAL D 249 11.18 -3.96 26.72
C VAL D 249 10.38 -5.16 27.22
N PRO D 250 11.03 -6.10 27.92
CA PRO D 250 10.27 -7.17 28.58
C PRO D 250 9.50 -6.65 29.79
N SER D 251 8.25 -7.10 29.93
CA SER D 251 7.50 -6.77 31.14
C SER D 251 8.26 -7.23 32.38
N GLY D 252 8.38 -6.35 33.36
CA GLY D 252 9.11 -6.73 34.56
C GLY D 252 10.50 -6.15 34.64
N GLU D 253 11.21 -6.16 33.52
CA GLU D 253 12.51 -5.51 33.42
C GLU D 253 12.44 -4.01 33.15
N GLU D 254 11.25 -3.39 33.34
CA GLU D 254 11.09 -1.96 33.06
C GLU D 254 12.06 -1.11 33.87
N GLN D 255 12.19 -1.42 35.17
CA GLN D 255 12.99 -0.55 36.02
C GLN D 255 14.47 -0.64 35.71
N ARG D 256 14.89 -1.53 34.80
CA ARG D 256 16.27 -1.53 34.33
C ARG D 256 16.54 -0.40 33.35
N TYR D 257 15.50 0.17 32.74
CA TYR D 257 15.66 1.08 31.62
C TYR D 257 15.58 2.54 32.08
N THR D 258 16.59 3.31 31.69
CA THR D 258 16.68 4.74 31.97
C THR D 258 16.76 5.51 30.65
N CYS D 259 16.10 6.66 30.61
CA CYS D 259 16.14 7.59 29.49
C CYS D 259 16.98 8.80 29.88
N HIS D 260 17.94 9.15 29.04
CA HIS D 260 18.84 10.28 29.30
C HIS D 260 18.54 11.40 28.32
N VAL D 261 18.19 12.56 28.85
CA VAL D 261 17.79 13.72 28.05
C VAL D 261 18.86 14.80 28.16
N GLN D 262 19.32 15.27 27.01
CA GLN D 262 20.33 16.32 26.98
C GLN D 262 19.80 17.48 26.15
N HIS D 263 19.76 18.65 26.76
CA HIS D 263 19.26 19.87 26.13
C HIS D 263 19.93 21.07 26.76
N GLU D 264 20.25 22.07 25.93
CA GLU D 264 20.99 23.23 26.40
C GLU D 264 20.26 23.98 27.51
N GLY D 265 18.93 23.94 27.51
CA GLY D 265 18.11 24.60 28.51
C GLY D 265 18.11 23.93 29.88
N LEU D 266 18.78 22.80 30.02
CA LEU D 266 18.74 22.11 31.30
C LEU D 266 19.98 22.39 32.12
N PRO D 267 19.78 22.69 33.42
CA PRO D 267 20.94 22.84 34.32
C PRO D 267 21.78 21.57 34.33
N LYS D 268 21.16 20.47 34.74
CA LYS D 268 21.70 19.12 34.78
C LYS D 268 20.98 18.25 33.74
N PRO D 269 21.70 17.42 32.99
CA PRO D 269 21.03 16.39 32.18
C PRO D 269 20.08 15.54 33.02
N LEU D 270 18.93 15.19 32.40
CA LEU D 270 17.88 14.43 33.07
C LEU D 270 18.05 12.93 32.87
N THR D 271 17.61 12.16 33.87
CA THR D 271 17.56 10.71 33.83
C THR D 271 16.19 10.26 34.29
N LEU D 272 15.41 9.64 33.40
CA LEU D 272 14.04 9.28 33.71
C LEU D 272 13.82 7.78 33.51
N ARG D 273 12.74 7.30 34.11
CA ARG D 273 12.38 5.90 34.02
C ARG D 273 10.87 5.79 34.18
N TRP D 274 10.33 4.70 33.66
CA TRP D 274 8.90 4.48 33.75
C TRP D 274 8.50 4.29 35.22
N GLU D 275 7.69 5.22 35.72
CA GLU D 275 7.24 5.19 37.11
C GLU D 275 5.72 5.04 37.16
N PRO D 276 5.20 3.90 37.64
CA PRO D 276 3.76 3.64 37.80
C PRO D 276 3.08 4.40 38.96
N MET E 1 16.39 14.30 -11.67
CA MET E 1 15.50 14.67 -10.58
C MET E 1 15.42 13.54 -9.56
N ILE E 2 15.64 13.87 -8.28
CA ILE E 2 15.76 12.87 -7.22
C ILE E 2 14.56 13.01 -6.29
N GLN E 3 13.64 12.05 -6.37
CA GLN E 3 12.42 12.09 -5.57
C GLN E 3 12.61 11.40 -4.23
N ARG E 4 12.06 12.01 -3.18
CA ARG E 4 12.06 11.45 -1.84
C ARG E 4 10.63 11.49 -1.31
N THR E 5 10.21 10.39 -0.67
CA THR E 5 8.88 10.27 -0.07
C THR E 5 8.82 10.98 1.28
N PRO E 6 7.69 11.60 1.61
CA PRO E 6 7.60 12.35 2.88
C PRO E 6 7.51 11.45 4.09
N LYS E 7 8.20 11.85 5.15
CA LYS E 7 7.86 11.34 6.47
C LYS E 7 6.64 12.11 6.98
N ILE E 8 5.77 11.43 7.71
CA ILE E 8 4.52 12.01 8.19
C ILE E 8 4.42 11.81 9.69
N GLN E 9 4.20 12.89 10.43
CA GLN E 9 3.89 12.77 11.85
C GLN E 9 2.59 13.52 12.15
N VAL E 10 1.68 12.85 12.84
CA VAL E 10 0.44 13.48 13.29
C VAL E 10 0.38 13.39 14.82
N TYR E 11 0.11 14.51 15.45
CA TYR E 11 0.27 14.65 16.90
C TYR E 11 -0.31 16.00 17.29
N SER E 12 -0.54 16.19 18.59
CA SER E 12 -1.05 17.45 19.12
C SER E 12 0.10 18.31 19.67
N ARG E 13 -0.11 19.62 19.68
CA ARG E 13 0.91 20.54 20.14
C ARG E 13 1.18 20.40 21.64
N HIS E 14 0.13 20.24 22.44
CA HIS E 14 0.18 19.99 23.88
C HIS E 14 -0.49 18.65 24.17
N PRO E 15 -0.16 18.00 25.30
CA PRO E 15 -0.81 16.72 25.62
C PRO E 15 -2.33 16.85 25.65
N ALA E 16 -3.00 15.93 24.95
CA ALA E 16 -4.42 16.06 24.68
C ALA E 16 -5.27 15.86 25.94
N GLU E 17 -6.27 16.72 26.10
CA GLU E 17 -7.21 16.63 27.23
C GLU E 17 -8.61 16.84 26.70
N ASN E 18 -9.43 15.78 26.75
CA ASN E 18 -10.78 15.82 26.20
C ASN E 18 -11.55 17.01 26.74
N GLY E 19 -11.99 17.88 25.83
CA GLY E 19 -12.68 19.09 26.22
C GLY E 19 -11.78 20.30 26.38
N LYS E 20 -10.50 20.18 26.08
CA LYS E 20 -9.58 21.30 26.12
C LYS E 20 -9.13 21.66 24.71
N SER E 21 -9.05 22.96 24.43
CA SER E 21 -8.59 23.41 23.14
C SER E 21 -7.12 23.02 22.97
N ASN E 22 -6.78 22.66 21.74
CA ASN E 22 -5.45 22.17 21.42
C ASN E 22 -5.18 22.55 19.97
N PHE E 23 -4.13 21.97 19.39
CA PHE E 23 -3.81 22.12 17.98
C PHE E 23 -3.47 20.73 17.47
N LEU E 24 -3.98 20.40 16.29
CA LEU E 24 -3.66 19.16 15.60
C LEU E 24 -2.64 19.46 14.53
N ASN E 25 -1.57 18.66 14.48
CA ASN E 25 -0.40 18.94 13.66
C ASN E 25 -0.15 17.76 12.73
N CYS E 26 0.14 18.05 11.46
CA CYS E 26 0.67 17.04 10.53
C CYS E 26 1.97 17.57 9.94
N TYR E 27 3.07 17.00 10.39
CA TYR E 27 4.41 17.41 9.97
C TYR E 27 4.84 16.49 8.85
N VAL E 28 4.97 17.04 7.64
CA VAL E 28 5.54 16.32 6.51
C VAL E 28 6.92 16.90 6.24
N SER E 29 7.91 16.03 6.14
CA SER E 29 9.28 16.43 5.92
C SER E 29 9.93 15.39 5.02
N GLY E 30 11.05 15.77 4.43
CA GLY E 30 11.90 14.81 3.77
C GLY E 30 11.57 14.55 2.32
N PHE E 31 10.66 15.31 1.72
CA PHE E 31 10.13 14.99 0.41
C PHE E 31 10.68 15.89 -0.69
N HIS E 32 10.73 15.33 -1.89
CA HIS E 32 10.97 16.06 -3.13
C HIS E 32 10.14 15.41 -4.23
N PRO E 33 9.57 16.23 -5.12
CA PRO E 33 9.63 17.69 -5.06
C PRO E 33 8.58 18.29 -4.13
N SER E 34 8.28 19.56 -4.35
CA SER E 34 7.55 20.37 -3.40
C SER E 34 6.02 20.15 -3.45
N ASP E 35 5.44 19.80 -4.60
CA ASP E 35 3.98 19.67 -4.68
CA ASP E 35 3.98 19.66 -4.69
C ASP E 35 3.50 18.55 -3.76
N ILE E 36 2.54 18.88 -2.90
CA ILE E 36 2.03 17.90 -1.96
C ILE E 36 0.64 18.31 -1.54
N GLU E 37 -0.24 17.32 -1.44
CA GLU E 37 -1.59 17.49 -0.93
C GLU E 37 -1.58 16.95 0.48
N VAL E 38 -2.00 17.78 1.44
CA VAL E 38 -2.05 17.42 2.86
C VAL E 38 -3.40 17.85 3.41
N ASP E 39 -4.14 16.91 3.99
CA ASP E 39 -5.43 17.21 4.61
C ASP E 39 -5.45 16.64 6.00
N LEU E 40 -6.09 17.36 6.90
CA LEU E 40 -6.47 16.85 8.20
C LEU E 40 -7.88 16.28 8.11
N LEU E 41 -8.07 15.09 8.70
CA LEU E 41 -9.33 14.38 8.67
C LEU E 41 -9.90 14.26 10.07
N LYS E 42 -11.22 14.38 10.18
CA LYS E 42 -11.98 14.14 11.40
C LYS E 42 -12.98 13.02 11.13
N ASN E 43 -12.76 11.86 11.74
CA ASN E 43 -13.55 10.67 11.49
C ASN E 43 -13.66 10.40 9.98
N GLY E 44 -12.52 10.49 9.31
CA GLY E 44 -12.43 10.16 7.90
C GLY E 44 -12.76 11.29 6.96
N GLU E 45 -13.23 12.43 7.48
CA GLU E 45 -13.71 13.53 6.65
C GLU E 45 -12.75 14.71 6.73
N ARG E 46 -12.41 15.26 5.57
CA ARG E 46 -11.44 16.35 5.47
C ARG E 46 -11.89 17.56 6.28
N ILE E 47 -10.97 18.09 7.09
CA ILE E 47 -11.21 19.26 7.92
C ILE E 47 -10.97 20.51 7.09
N GLU E 48 -11.96 21.37 7.00
CA GLU E 48 -11.76 22.72 6.48
C GLU E 48 -10.98 23.55 7.49
N LYS E 49 -10.51 24.72 7.05
CA LYS E 49 -9.87 25.69 7.95
C LYS E 49 -8.60 25.10 8.56
N VAL E 50 -7.78 24.48 7.72
CA VAL E 50 -6.47 23.99 8.13
C VAL E 50 -5.44 24.95 7.54
N GLU E 51 -4.62 25.54 8.40
CA GLU E 51 -3.54 26.42 7.98
C GLU E 51 -2.24 25.63 7.84
N HIS E 52 -1.30 26.19 7.11
CA HIS E 52 -0.01 25.53 6.91
C HIS E 52 1.13 26.54 7.00
N SER E 53 2.28 26.05 7.43
CA SER E 53 3.52 26.82 7.38
C SER E 53 4.01 26.99 5.93
N ASP E 54 4.96 27.90 5.76
CA ASP E 54 5.53 28.22 4.45
C ASP E 54 6.64 27.26 4.05
N LEU E 55 6.66 26.91 2.77
CA LEU E 55 7.66 26.00 2.23
C LEU E 55 9.07 26.38 2.66
N SER E 56 9.75 25.42 3.26
CA SER E 56 11.12 25.57 3.71
C SER E 56 11.76 24.21 3.50
N PHE E 57 13.09 24.14 3.71
CA PHE E 57 13.78 22.89 3.44
C PHE E 57 15.06 22.73 4.28
N SER E 58 15.36 21.48 4.62
CA SER E 58 16.50 21.03 5.40
C SER E 58 17.78 21.05 4.57
N LYS E 59 18.90 20.73 5.26
CA LYS E 59 20.22 20.83 4.66
C LYS E 59 20.37 19.97 3.41
N ASP E 60 19.79 18.77 3.42
CA ASP E 60 19.83 17.91 2.24
C ASP E 60 18.87 18.34 1.14
N TRP E 61 18.22 19.50 1.29
CA TRP E 61 17.35 20.16 0.32
C TRP E 61 15.94 19.60 0.28
N SER E 62 15.64 18.52 1.00
CA SER E 62 14.28 18.03 1.12
C SER E 62 13.42 19.03 1.90
N PHE E 63 12.16 19.12 1.50
CA PHE E 63 11.23 20.12 2.01
C PHE E 63 10.53 19.67 3.29
N TYR E 64 10.05 20.63 4.06
CA TYR E 64 9.24 20.28 5.21
C TYR E 64 8.12 21.30 5.35
N LEU E 65 6.99 20.82 5.85
CA LEU E 65 5.81 21.65 5.99
C LEU E 65 5.05 21.21 7.24
N LEU E 66 4.45 22.18 7.94
CA LEU E 66 3.56 21.89 9.06
C LEU E 66 2.15 22.30 8.70
N TYR E 67 1.21 21.35 8.77
CA TYR E 67 -0.21 21.65 8.68
C TYR E 67 -0.84 21.54 10.08
N TYR E 68 -1.78 22.44 10.38
CA TYR E 68 -2.30 22.53 11.74
C TYR E 68 -3.72 23.10 11.78
N THR E 69 -4.41 22.80 12.88
CA THR E 69 -5.74 23.37 13.14
C THR E 69 -6.09 23.37 14.62
N GLU E 70 -6.83 24.40 15.03
CA GLU E 70 -7.57 24.38 16.28
C GLU E 70 -8.49 23.16 16.32
N PHE E 71 -8.45 22.44 17.43
CA PHE E 71 -9.48 21.44 17.65
C PHE E 71 -9.59 21.21 19.13
N THR E 72 -10.72 20.60 19.52
CA THR E 72 -10.99 20.21 20.90
C THR E 72 -11.23 18.71 20.90
N PRO E 73 -10.25 17.90 21.32
CA PRO E 73 -10.39 16.44 21.18
C PRO E 73 -11.50 15.90 22.06
N THR E 74 -12.12 14.83 21.58
CA THR E 74 -13.09 14.06 22.34
C THR E 74 -12.71 12.59 22.38
N GLU E 75 -13.42 11.84 23.23
CA GLU E 75 -13.19 10.42 23.39
C GLU E 75 -13.64 9.65 22.15
N LYS E 76 -14.63 10.17 21.43
CA LYS E 76 -15.19 9.46 20.29
C LYS E 76 -14.55 9.86 18.97
N ASP E 77 -13.84 10.98 18.91
CA ASP E 77 -13.33 11.51 17.66
C ASP E 77 -11.95 10.95 17.32
N GLU E 78 -11.84 10.40 16.11
CA GLU E 78 -10.59 9.87 15.57
C GLU E 78 -10.05 10.86 14.55
N TYR E 79 -8.81 11.29 14.74
CA TYR E 79 -8.19 12.23 13.83
C TYR E 79 -7.08 11.52 13.04
N ALA E 80 -6.82 12.02 11.84
CA ALA E 80 -5.82 11.41 10.98
C ALA E 80 -5.29 12.46 10.02
N CYS E 81 -4.16 12.15 9.39
CA CYS E 81 -3.56 13.02 8.38
C CYS E 81 -3.39 12.24 7.09
N ARG E 82 -3.96 12.77 5.99
CA ARG E 82 -3.90 12.15 4.67
C ARG E 82 -2.92 12.94 3.81
N VAL E 83 -2.00 12.23 3.16
CA VAL E 83 -0.90 12.85 2.43
C VAL E 83 -0.76 12.19 1.07
N ASN E 84 -0.83 12.99 0.02
CA ASN E 84 -0.57 12.53 -1.34
C ASN E 84 0.63 13.28 -1.89
N HIS E 85 1.56 12.54 -2.47
CA HIS E 85 2.80 13.06 -3.03
C HIS E 85 3.12 12.24 -4.27
N VAL E 86 3.99 12.78 -5.14
CA VAL E 86 4.31 12.06 -6.37
C VAL E 86 4.84 10.66 -6.05
N THR E 87 5.61 10.53 -4.97
CA THR E 87 6.24 9.25 -4.61
C THR E 87 5.23 8.18 -4.23
N LEU E 88 3.95 8.51 -4.08
CA LEU E 88 2.99 7.63 -3.44
C LEU E 88 2.03 7.04 -4.47
N SER E 89 1.93 5.71 -4.49
CA SER E 89 1.03 5.03 -5.40
C SER E 89 -0.42 5.30 -5.03
N GLN E 90 -0.65 5.54 -3.74
CA GLN E 90 -1.96 5.84 -3.17
C GLN E 90 -1.72 6.79 -2.01
N PRO E 91 -2.72 7.58 -1.63
CA PRO E 91 -2.54 8.51 -0.51
C PRO E 91 -2.23 7.75 0.77
N LYS E 92 -1.17 8.15 1.44
CA LYS E 92 -0.90 7.55 2.73
C LYS E 92 -1.75 8.24 3.78
N ILE E 93 -2.31 7.45 4.70
CA ILE E 93 -3.11 8.00 5.79
C ILE E 93 -2.50 7.54 7.09
N VAL E 94 -2.10 8.50 7.91
CA VAL E 94 -1.51 8.22 9.20
C VAL E 94 -2.50 8.66 10.25
N LYS E 95 -2.92 7.72 11.08
CA LYS E 95 -3.88 8.03 12.12
C LYS E 95 -3.18 8.69 13.31
N TRP E 96 -3.95 9.45 14.07
CA TRP E 96 -3.43 10.12 15.25
C TRP E 96 -3.61 9.18 16.43
N ASP E 97 -2.51 8.57 16.87
CA ASP E 97 -2.48 7.81 18.11
C ASP E 97 -2.00 8.73 19.24
N ARG E 98 -2.79 8.85 20.30
CA ARG E 98 -2.37 9.72 21.40
C ARG E 98 -1.11 9.21 22.11
N ASP E 99 -0.77 7.93 21.95
CA ASP E 99 0.46 7.35 22.46
C ASP E 99 1.70 7.68 21.61
N MET E 100 1.51 8.15 20.37
CA MET E 100 2.61 8.32 19.39
C MET E 100 2.76 9.75 18.79
N ARG F 1 19.05 41.08 7.54
CA ARG F 1 18.40 41.46 6.28
C ARG F 1 19.21 40.87 5.11
N ARG F 2 18.66 40.95 3.91
CA ARG F 2 19.11 40.17 2.77
C ARG F 2 20.24 40.86 2.01
N LYS F 3 21.03 40.05 1.32
CA LYS F 3 22.10 40.57 0.48
C LYS F 3 21.56 41.29 -0.75
N TRP F 4 22.12 42.46 -1.04
CA TRP F 4 21.55 43.32 -2.09
C TRP F 4 21.65 42.67 -3.47
N ARG F 5 22.74 41.97 -3.75
CA ARG F 5 23.06 41.53 -5.10
C ARG F 5 22.88 40.02 -5.26
N ARG F 6 22.31 39.63 -6.39
CA ARG F 6 22.29 38.24 -6.84
C ARG F 6 22.92 38.15 -8.23
N TRP F 7 23.21 36.93 -8.70
CA TRP F 7 23.88 36.75 -9.99
C TRP F 7 23.26 35.59 -10.75
N HIS F 8 23.02 35.81 -12.04
CA HIS F 8 22.41 34.81 -12.91
C HIS F 8 23.25 33.55 -13.02
N LEU F 9 22.58 32.42 -12.94
CA LEU F 9 23.14 31.13 -13.31
C LEU F 9 23.47 31.10 -14.83
CU CU G . -30.07 -28.56 0.88
CU CU H . -16.97 10.69 3.07
CU CU I . -6.85 -47.59 -24.28
CU CU J . 24.23 32.97 22.23
C1 GOL K . 16.04 26.18 11.41
O1 GOL K . 16.01 25.18 12.39
C2 GOL K . 16.95 25.71 10.29
O2 GOL K . 16.13 25.22 9.26
C3 GOL K . 17.79 26.89 9.79
O3 GOL K . 18.80 27.21 10.74
CU CU L . -3.09 3.60 20.87
CU CU M . 18.58 39.47 -15.21
CL CL N . 19.05 37.33 -3.15
#